data_4ACZ
#
_entry.id   4ACZ
#
_cell.length_a   50.748
_cell.length_b   62.689
_cell.length_c   71.600
_cell.angle_alpha   103.49
_cell.angle_beta   104.06
_cell.angle_gamma   93.21
#
_symmetry.space_group_name_H-M   'P 1'
#
loop_
_entity.id
_entity.type
_entity.pdbx_description
1 polymer ENDO-ALPHA-MANNOSIDASE
2 polymer ENDO-ALPHA-MANNOSIDASE
3 non-polymer GLYCEROL
4 water water
#
loop_
_entity_poly.entity_id
_entity_poly.type
_entity_poly.pdbx_seq_one_letter_code
_entity_poly.pdbx_strand_id
1 'polypeptide(L)'
;MRKELVFVLLALFLCAGCNGNKKKMNGEHDLDAANITLDDHTISFYYNWYGNPSVDGEMKHWMHPIALAPGHSGDVGAIS
GLNDDIACNFYPELGTYSSNDPEIIRKHIRMHIKANVGVLSVTWWGESDYGNQSVSLLLDEAAKVGAKVCFHIEPFNGRS
PQTVRENIQYIVDTYGDHPAFYRTHGKPLFFIYDSYLIKPAEWAKLFAAGGEISVRNTKYDGLFIGLTLKESELPDIETA
CMDGFYTYFAATGFTNASTPANWKSMQQWAKAHNKLFIPSVGPGYIDTRIRPWNGSTTRDRENGKYYDDMYKAAIESGAS
YISITSFNEWHEGTQIEPAVSKKCDAFEYLDYKPLADDYYLIRTAYWVDEFRKARSASEDVQ
;
A
2 'polypeptide(L)'
;MRKELVFVLLALFLCAGCNGNKKKMNGEHDLDAANITLDDHTISFYYNWYGNPSVDGEMKHWMHPIALAPGHSGLVGAIS
GLNDDIACNFYPELGTYSSNDPEIIRKHIRMHIKANVGVLSVTWWGESDYGNQSVSLLLDEAAKVGAKVCFHIEPFNGRS
PQTVRENIQYIVDTYGDHPAFYRTHGKPLFFIYDSYLIKPAEWAKLFAAGGEISVRNTKYDGLFIGLTLKESELPDIETA
CMDGFYTYFAATGFTNASTPANWKSMQQWAKAHNKLFIPSVGPGYIDTRIRPWNGSTTRDRENGKYYDDMYKAAIESGAS
YISITSFNEWHEGTQIEPAVSKKCDAFEYLDYKPLADDYYLIRTAYWVDEFRKARSASEDVQ
;
B
#
loop_
_chem_comp.id
_chem_comp.type
_chem_comp.name
_chem_comp.formula
GOL non-polymer GLYCEROL 'C3 H8 O3'
#
# COMPACT_ATOMS: atom_id res chain seq x y z
N THR A 37 -38.92 4.21 15.94
CA THR A 37 -37.76 4.08 16.89
C THR A 37 -36.40 4.21 16.17
N LEU A 38 -36.23 5.28 15.40
CA LEU A 38 -35.00 5.49 14.62
C LEU A 38 -34.25 6.73 15.11
N ASP A 39 -32.99 6.58 15.50
CA ASP A 39 -32.27 7.74 16.02
C ASP A 39 -31.60 8.56 14.90
N ASP A 40 -31.94 9.84 14.81
CA ASP A 40 -31.41 10.65 13.71
C ASP A 40 -30.06 11.33 14.01
N HIS A 41 -29.50 11.03 15.19
CA HIS A 41 -28.14 11.48 15.56
C HIS A 41 -27.13 10.31 15.59
N THR A 42 -27.55 9.16 15.07
CA THR A 42 -26.70 7.96 14.94
C THR A 42 -26.57 7.63 13.45
N ILE A 43 -25.34 7.58 12.98
CA ILE A 43 -25.02 7.48 11.54
C ILE A 43 -24.09 6.29 11.26
N SER A 44 -24.51 5.32 10.46
CA SER A 44 -23.61 4.23 10.11
C SER A 44 -22.82 4.59 8.87
N PHE A 45 -21.62 4.04 8.75
CA PHE A 45 -20.92 4.14 7.47
C PHE A 45 -21.29 2.96 6.55
N TYR A 46 -21.94 3.32 5.44
CA TYR A 46 -22.56 2.37 4.50
C TYR A 46 -21.79 2.32 3.18
N TYR A 47 -21.60 1.11 2.66
CA TYR A 47 -20.82 0.88 1.43
C TYR A 47 -21.68 0.18 0.38
N ASN A 48 -21.78 0.82 -0.78
CA ASN A 48 -22.62 0.40 -1.88
C ASN A 48 -21.76 -0.01 -3.08
N TRP A 49 -20.56 -0.52 -2.81
CA TRP A 49 -19.63 -0.90 -3.88
C TRP A 49 -19.61 -2.39 -4.23
N TYR A 50 -20.57 -3.16 -3.69
CA TYR A 50 -20.58 -4.61 -3.87
C TYR A 50 -21.37 -5.00 -5.10
N GLY A 51 -20.91 -6.07 -5.76
CA GLY A 51 -21.59 -6.56 -6.95
C GLY A 51 -21.34 -8.04 -7.19
N ASN A 52 -22.27 -8.68 -7.89
CA ASN A 52 -22.12 -10.08 -8.27
C ASN A 52 -22.40 -10.29 -9.78
N PRO A 53 -22.02 -11.46 -10.34
CA PRO A 53 -22.15 -11.69 -11.79
C PRO A 53 -23.56 -11.45 -12.32
N SER A 54 -24.55 -12.03 -11.65
CA SER A 54 -25.96 -11.79 -11.98
C SER A 54 -26.54 -10.63 -11.19
N VAL A 55 -26.12 -9.43 -11.56
CA VAL A 55 -26.80 -8.16 -11.29
C VAL A 55 -25.88 -7.15 -11.96
N ASP A 56 -24.58 -7.43 -11.90
CA ASP A 56 -23.58 -6.40 -12.22
C ASP A 56 -22.57 -6.76 -13.32
N GLY A 57 -22.57 -8.02 -13.74
CA GLY A 57 -21.66 -8.46 -14.80
C GLY A 57 -20.38 -9.10 -14.30
N GLU A 58 -20.12 -8.96 -13.00
CA GLU A 58 -18.89 -9.46 -12.39
C GLU A 58 -18.93 -9.31 -10.88
N MET A 59 -18.07 -10.04 -10.18
CA MET A 59 -17.86 -9.83 -8.76
C MET A 59 -17.23 -8.47 -8.54
N LYS A 60 -17.90 -7.62 -7.76
CA LYS A 60 -17.30 -6.35 -7.36
C LYS A 60 -17.06 -6.34 -5.85
N HIS A 61 -15.81 -6.04 -5.48
CA HIS A 61 -15.35 -5.99 -4.08
C HIS A 61 -15.26 -7.33 -3.34
N TRP A 62 -16.19 -8.25 -3.59
CA TRP A 62 -16.04 -9.64 -3.11
C TRP A 62 -14.78 -10.28 -3.74
N MET A 63 -14.48 -9.86 -4.97
CA MET A 63 -13.16 -10.04 -5.60
C MET A 63 -12.39 -8.76 -5.28
N HIS A 64 -11.15 -8.90 -4.81
CA HIS A 64 -10.33 -7.75 -4.41
C HIS A 64 -8.83 -8.10 -4.48
N PRO A 65 -7.98 -7.16 -4.92
CA PRO A 65 -6.54 -7.46 -4.87
C PRO A 65 -6.05 -7.57 -3.43
N ILE A 66 -4.93 -8.26 -3.23
CA ILE A 66 -4.28 -8.37 -1.93
C ILE A 66 -3.21 -7.28 -1.88
N ALA A 67 -3.25 -6.43 -0.86
CA ALA A 67 -2.38 -5.24 -0.81
C ALA A 67 -0.96 -5.62 -0.47
N LEU A 68 0.00 -5.05 -1.21
CA LEU A 68 1.42 -5.19 -0.93
C LEU A 68 1.76 -4.49 0.41
N ALA A 69 2.75 -5.01 1.16
CA ALA A 69 3.20 -4.32 2.36
C ALA A 69 3.73 -2.95 1.96
N PRO A 70 3.47 -1.92 2.79
CA PRO A 70 3.94 -0.56 2.48
C PRO A 70 5.41 -0.54 2.03
N GLY A 71 5.67 0.02 0.85
CA GLY A 71 7.05 0.15 0.36
C GLY A 71 7.58 -1.06 -0.40
N HIS A 72 6.84 -2.16 -0.38
CA HIS A 72 7.28 -3.38 -1.04
C HIS A 72 6.75 -3.53 -2.47
N SER A 73 7.53 -4.22 -3.30
CA SER A 73 7.14 -4.54 -4.67
C SER A 73 6.59 -5.99 -4.75
N GLY A 74 5.90 -6.30 -5.85
CA GLY A 74 5.42 -7.65 -6.10
C GLY A 74 4.19 -7.70 -7.00
N ASP A 75 3.69 -8.91 -7.25
CA ASP A 75 2.39 -9.13 -7.89
C ASP A 75 1.48 -9.97 -6.99
N VAL A 76 1.47 -9.66 -5.69
CA VAL A 76 1.02 -10.58 -4.61
C VAL A 76 -0.33 -11.31 -4.80
N GLY A 77 -1.24 -10.71 -5.58
CA GLY A 77 -2.43 -11.43 -6.05
C GLY A 77 -3.78 -10.75 -5.88
N ALA A 78 -4.81 -11.59 -5.92
CA ALA A 78 -6.20 -11.17 -5.70
C ALA A 78 -6.99 -12.30 -5.05
N ILE A 79 -8.04 -11.95 -4.30
CA ILE A 79 -8.98 -12.93 -3.81
C ILE A 79 -10.09 -12.98 -4.85
N SER A 80 -10.36 -14.18 -5.36
CA SER A 80 -11.26 -14.43 -6.49
C SER A 80 -12.68 -13.94 -6.27
N GLY A 81 -13.18 -14.11 -5.04
CA GLY A 81 -14.61 -13.95 -4.78
C GLY A 81 -15.40 -15.17 -5.27
N LEU A 82 -14.70 -16.13 -5.87
CA LEU A 82 -15.32 -17.32 -6.43
C LEU A 82 -15.22 -18.50 -5.47
N ASN A 83 -16.18 -19.42 -5.57
CA ASN A 83 -16.21 -20.63 -4.74
C ASN A 83 -16.20 -20.33 -3.23
N ASP A 84 -16.90 -19.25 -2.84
CA ASP A 84 -16.96 -18.77 -1.46
C ASP A 84 -15.63 -18.24 -0.88
N ASP A 85 -14.67 -17.94 -1.76
CA ASP A 85 -13.37 -17.37 -1.37
C ASP A 85 -13.45 -15.87 -1.62
N ILE A 86 -13.73 -15.12 -0.55
CA ILE A 86 -14.14 -13.71 -0.68
C ILE A 86 -13.27 -12.78 0.14
N ALA A 87 -13.21 -11.50 -0.26
CA ALA A 87 -12.23 -10.56 0.26
C ALA A 87 -12.56 -9.93 1.63
N CYS A 88 -12.66 -10.78 2.66
CA CYS A 88 -13.05 -10.34 4.01
C CYS A 88 -12.84 -11.50 4.97
N ASN A 89 -12.60 -11.19 6.25
CA ASN A 89 -12.31 -12.23 7.22
C ASN A 89 -13.59 -12.89 7.78
N PHE A 90 -14.74 -12.21 7.64
CA PHE A 90 -16.07 -12.72 8.01
C PHE A 90 -16.89 -13.01 6.74
N TYR A 91 -18.00 -13.73 6.88
CA TYR A 91 -18.83 -14.09 5.71
C TYR A 91 -20.25 -13.56 5.87
N PRO A 92 -20.77 -12.78 4.89
CA PRO A 92 -22.10 -12.18 5.10
C PRO A 92 -23.25 -13.18 5.09
N GLU A 93 -24.21 -12.98 5.98
CA GLU A 93 -25.45 -13.74 5.99
C GLU A 93 -26.11 -13.66 4.61
N LEU A 94 -26.04 -12.48 3.98
CA LEU A 94 -26.63 -12.30 2.65
C LEU A 94 -25.73 -12.79 1.50
N GLY A 95 -24.63 -13.46 1.83
CA GLY A 95 -23.72 -14.00 0.80
C GLY A 95 -23.02 -12.92 0.01
N THR A 96 -22.53 -13.27 -1.18
CA THR A 96 -21.91 -12.28 -2.09
C THR A 96 -22.95 -11.43 -2.80
N TYR A 97 -23.52 -10.47 -2.07
CA TYR A 97 -24.67 -9.71 -2.56
C TYR A 97 -24.31 -8.54 -3.44
N SER A 98 -25.32 -8.03 -4.16
CA SER A 98 -25.16 -6.82 -4.94
C SER A 98 -25.81 -5.60 -4.31
N SER A 99 -25.06 -4.51 -4.24
CA SER A 99 -25.59 -3.23 -3.78
C SER A 99 -26.62 -2.67 -4.75
N ASN A 100 -26.70 -3.25 -5.94
CA ASN A 100 -27.72 -2.82 -6.91
C ASN A 100 -28.98 -3.67 -6.94
N ASP A 101 -29.06 -4.61 -6.00
CA ASP A 101 -30.20 -5.52 -5.87
C ASP A 101 -31.21 -4.89 -4.93
N PRO A 102 -32.44 -4.59 -5.43
CA PRO A 102 -33.43 -3.90 -4.57
C PRO A 102 -33.80 -4.69 -3.32
N GLU A 103 -33.77 -6.02 -3.40
CA GLU A 103 -34.09 -6.85 -2.25
C GLU A 103 -33.03 -6.73 -1.13
N ILE A 104 -31.78 -6.57 -1.51
CA ILE A 104 -30.67 -6.40 -0.55
C ILE A 104 -30.85 -5.07 0.15
N ILE A 105 -31.11 -4.03 -0.63
CA ILE A 105 -31.33 -2.68 -0.09
C ILE A 105 -32.50 -2.67 0.90
N ARG A 106 -33.61 -3.30 0.53
CA ARG A 106 -34.74 -3.45 1.45
C ARG A 106 -34.33 -4.11 2.77
N LYS A 107 -33.52 -5.17 2.70
CA LYS A 107 -33.07 -5.89 3.89
C LYS A 107 -32.06 -5.09 4.72
N HIS A 108 -31.16 -4.38 4.04
CA HIS A 108 -30.20 -3.48 4.74
C HIS A 108 -30.96 -2.39 5.51
N ILE A 109 -31.97 -1.80 4.89
CA ILE A 109 -32.79 -0.81 5.59
C ILE A 109 -33.48 -1.43 6.82
N ARG A 110 -34.05 -2.64 6.66
CA ARG A 110 -34.65 -3.38 7.78
C ARG A 110 -33.64 -3.64 8.90
N MET A 111 -32.40 -3.91 8.54
CA MET A 111 -31.35 -4.14 9.53
C MET A 111 -31.06 -2.86 10.36
N HIS A 112 -31.14 -1.71 9.69
CA HIS A 112 -31.01 -0.41 10.35
C HIS A 112 -32.19 -0.15 11.29
N ILE A 113 -33.39 -0.55 10.89
CA ILE A 113 -34.54 -0.53 11.81
C ILE A 113 -34.23 -1.30 13.08
N LYS A 114 -33.71 -2.52 12.94
CA LYS A 114 -33.37 -3.37 14.09
C LYS A 114 -32.33 -2.73 14.99
N ALA A 115 -31.34 -2.06 14.39
CA ALA A 115 -30.30 -1.39 15.15
C ALA A 115 -30.75 -0.05 15.74
N ASN A 116 -31.94 0.42 15.36
CA ASN A 116 -32.44 1.76 15.77
C ASN A 116 -31.62 2.87 15.11
N VAL A 117 -30.89 2.55 14.05
CA VAL A 117 -30.04 3.56 13.40
C VAL A 117 -30.79 4.29 12.30
N GLY A 118 -31.03 5.57 12.53
CA GLY A 118 -31.79 6.41 11.62
C GLY A 118 -31.09 6.96 10.40
N VAL A 119 -29.75 6.97 10.38
CA VAL A 119 -29.03 7.65 9.30
C VAL A 119 -27.97 6.75 8.71
N LEU A 120 -27.92 6.70 7.40
CA LEU A 120 -26.86 5.98 6.71
C LEU A 120 -26.02 7.01 5.96
N SER A 121 -24.71 6.90 6.08
CA SER A 121 -23.79 7.77 5.32
C SER A 121 -23.18 6.94 4.22
N VAL A 122 -23.63 7.17 2.99
CA VAL A 122 -23.20 6.33 1.85
C VAL A 122 -21.88 6.79 1.23
N THR A 123 -21.02 5.81 0.97
CA THR A 123 -19.71 6.03 0.35
C THR A 123 -19.94 6.73 -1.00
N TRP A 124 -19.16 7.78 -1.28
CA TRP A 124 -19.34 8.54 -2.52
C TRP A 124 -18.01 8.77 -3.24
N TRP A 125 -17.88 8.19 -4.44
CA TRP A 125 -16.59 8.16 -5.15
C TRP A 125 -16.46 9.13 -6.32
N GLY A 126 -17.24 10.21 -6.30
CA GLY A 126 -17.12 11.30 -7.27
C GLY A 126 -17.93 11.11 -8.55
N GLU A 127 -17.48 11.77 -9.62
CA GLU A 127 -18.13 11.70 -10.94
C GLU A 127 -18.53 10.29 -11.40
N SER A 128 -17.68 9.28 -11.17
CA SER A 128 -18.05 7.90 -11.52
C SER A 128 -19.29 7.39 -10.76
N ASP A 129 -19.65 8.06 -9.66
CA ASP A 129 -20.87 7.73 -8.91
C ASP A 129 -22.12 8.52 -9.31
N TYR A 130 -21.99 9.50 -10.21
CA TYR A 130 -23.15 10.29 -10.63
C TYR A 130 -24.27 9.38 -11.14
N GLY A 131 -25.44 9.56 -10.56
CA GLY A 131 -26.63 8.85 -11.01
C GLY A 131 -26.64 7.37 -10.70
N ASN A 132 -25.77 6.93 -9.79
CA ASN A 132 -25.67 5.49 -9.54
C ASN A 132 -26.95 4.89 -8.93
N GLN A 133 -27.26 3.69 -9.40
CA GLN A 133 -28.53 3.02 -9.11
C GLN A 133 -28.73 2.78 -7.62
N SER A 134 -27.67 2.32 -6.94
CA SER A 134 -27.76 1.92 -5.53
C SER A 134 -28.20 3.07 -4.63
N VAL A 135 -27.69 4.27 -4.89
CA VAL A 135 -28.06 5.46 -4.12
C VAL A 135 -29.57 5.79 -4.24
N SER A 136 -30.10 5.75 -5.45
CA SER A 136 -31.54 6.01 -5.65
C SER A 136 -32.41 4.98 -4.94
N LEU A 137 -32.00 3.71 -5.00
CA LEU A 137 -32.70 2.63 -4.28
C LEU A 137 -32.63 2.84 -2.78
N LEU A 138 -31.45 3.22 -2.29
CA LEU A 138 -31.26 3.44 -0.85
C LEU A 138 -32.20 4.52 -0.35
N LEU A 139 -32.22 5.66 -1.04
CA LEU A 139 -33.09 6.77 -0.68
C LEU A 139 -34.57 6.38 -0.70
N ASP A 140 -34.98 5.67 -1.77
CA ASP A 140 -36.36 5.21 -1.91
C ASP A 140 -36.80 4.23 -0.80
N GLU A 141 -35.94 3.28 -0.46
CA GLU A 141 -36.24 2.35 0.66
C GLU A 141 -36.19 3.03 2.04
N ALA A 142 -35.25 3.97 2.22
CA ALA A 142 -35.15 4.71 3.49
C ALA A 142 -36.42 5.51 3.76
N ALA A 143 -36.93 6.17 2.71
CA ALA A 143 -38.13 6.99 2.83
C ALA A 143 -39.38 6.21 3.22
N LYS A 144 -39.45 4.92 2.88
CA LYS A 144 -40.59 4.07 3.27
C LYS A 144 -40.71 3.85 4.78
N VAL A 145 -39.58 3.94 5.49
CA VAL A 145 -39.55 3.64 6.92
C VAL A 145 -39.06 4.83 7.75
N GLY A 146 -38.75 5.95 7.10
CA GLY A 146 -38.33 7.13 7.84
C GLY A 146 -36.83 7.18 8.12
N ALA A 147 -36.05 6.39 7.39
CA ALA A 147 -34.61 6.45 7.52
C ALA A 147 -34.10 7.60 6.67
N LYS A 148 -32.85 8.00 6.90
CA LYS A 148 -32.26 9.14 6.18
C LYS A 148 -30.87 8.77 5.64
N VAL A 149 -30.44 9.48 4.61
CA VAL A 149 -29.20 9.18 3.88
C VAL A 149 -28.34 10.42 3.79
N CYS A 150 -27.09 10.35 4.23
CA CYS A 150 -26.13 11.41 3.95
C CYS A 150 -24.94 10.85 3.19
N PHE A 151 -23.99 11.70 2.86
CA PHE A 151 -22.94 11.27 1.94
C PHE A 151 -21.56 11.35 2.54
N HIS A 152 -20.74 10.36 2.18
CA HIS A 152 -19.34 10.20 2.69
C HIS A 152 -18.37 10.37 1.52
N ILE A 153 -17.84 11.60 1.37
CA ILE A 153 -17.00 11.97 0.21
C ILE A 153 -15.61 11.33 0.30
N GLU A 154 -15.39 10.31 -0.52
CA GLU A 154 -14.18 9.52 -0.47
C GLU A 154 -13.03 10.23 -1.20
N PRO A 155 -11.77 9.76 -1.02
CA PRO A 155 -10.67 10.37 -1.74
C PRO A 155 -10.55 9.87 -3.18
N PHE A 156 -11.49 10.30 -4.03
CA PHE A 156 -11.54 9.88 -5.43
C PHE A 156 -10.45 10.59 -6.27
N ASN A 157 -10.17 10.06 -7.47
CA ASN A 157 -9.17 10.64 -8.37
C ASN A 157 -9.50 12.08 -8.77
N GLY A 158 -8.52 12.96 -8.63
CA GLY A 158 -8.71 14.38 -8.94
C GLY A 158 -9.52 15.15 -7.91
N ARG A 159 -9.65 14.61 -6.70
CA ARG A 159 -10.36 15.34 -5.66
C ARG A 159 -9.58 16.57 -5.27
N SER A 160 -10.27 17.71 -5.31
CA SER A 160 -9.69 19.01 -4.97
C SER A 160 -10.82 19.84 -4.39
N PRO A 161 -10.52 21.03 -3.85
CA PRO A 161 -11.61 21.94 -3.49
C PRO A 161 -12.67 22.13 -4.61
N GLN A 162 -12.20 22.30 -5.84
CA GLN A 162 -13.12 22.51 -6.98
C GLN A 162 -13.97 21.30 -7.27
N THR A 163 -13.36 20.12 -7.32
CA THR A 163 -14.14 18.91 -7.64
C THR A 163 -15.06 18.48 -6.47
N VAL A 164 -14.65 18.78 -5.23
CA VAL A 164 -15.54 18.56 -4.08
C VAL A 164 -16.77 19.49 -4.15
N ARG A 165 -16.57 20.75 -4.52
CA ARG A 165 -17.70 21.67 -4.76
C ARG A 165 -18.66 21.14 -5.84
N GLU A 166 -18.12 20.64 -6.95
CA GLU A 166 -18.95 20.11 -8.02
C GLU A 166 -19.77 18.92 -7.54
N ASN A 167 -19.17 18.07 -6.72
CA ASN A 167 -19.84 16.90 -6.16
C ASN A 167 -20.90 17.24 -5.12
N ILE A 168 -20.65 18.27 -4.32
CA ILE A 168 -21.64 18.78 -3.35
C ILE A 168 -22.82 19.33 -4.13
N GLN A 169 -22.52 20.07 -5.20
CA GLN A 169 -23.57 20.60 -6.10
C GLN A 169 -24.40 19.47 -6.69
N TYR A 170 -23.74 18.44 -7.19
CA TYR A 170 -24.45 17.31 -7.79
C TYR A 170 -25.36 16.60 -6.78
N ILE A 171 -24.84 16.33 -5.59
CA ILE A 171 -25.59 15.59 -4.58
C ILE A 171 -26.80 16.42 -4.12
N VAL A 172 -26.57 17.70 -3.83
CA VAL A 172 -27.65 18.63 -3.42
C VAL A 172 -28.72 18.78 -4.52
N ASP A 173 -28.30 19.03 -5.75
CA ASP A 173 -29.25 19.15 -6.88
C ASP A 173 -30.02 17.87 -7.16
N THR A 174 -29.36 16.72 -7.08
CA THR A 174 -29.98 15.48 -7.49
C THR A 174 -30.77 14.83 -6.38
N TYR A 175 -30.28 14.90 -5.15
CA TYR A 175 -30.92 14.15 -4.07
C TYR A 175 -31.53 15.03 -2.97
N GLY A 176 -31.23 16.33 -3.03
CA GLY A 176 -31.54 17.25 -1.94
C GLY A 176 -33.02 17.39 -1.62
N ASP A 177 -33.86 17.21 -2.64
CA ASP A 177 -35.31 17.27 -2.51
C ASP A 177 -35.96 15.93 -2.14
N HIS A 178 -35.19 14.85 -2.10
CA HIS A 178 -35.76 13.54 -1.76
C HIS A 178 -36.20 13.53 -0.29
N PRO A 179 -37.39 12.99 -0.01
CA PRO A 179 -37.86 12.86 1.37
C PRO A 179 -36.85 12.25 2.35
N ALA A 180 -35.99 11.34 1.89
CA ALA A 180 -35.01 10.62 2.76
C ALA A 180 -33.64 11.27 2.84
N PHE A 181 -33.50 12.44 2.20
CA PHE A 181 -32.24 13.17 2.23
C PHE A 181 -32.00 13.73 3.63
N TYR A 182 -30.87 13.36 4.21
CA TYR A 182 -30.56 13.76 5.60
C TYR A 182 -30.32 15.25 5.77
N ARG A 183 -30.97 15.83 6.78
CA ARG A 183 -30.67 17.18 7.28
C ARG A 183 -30.67 17.17 8.80
N THR A 184 -29.80 18.00 9.39
CA THR A 184 -29.73 18.20 10.84
C THR A 184 -29.34 19.67 11.05
N HIS A 185 -29.91 20.28 12.07
CA HIS A 185 -29.86 21.75 12.20
C HIS A 185 -30.28 22.43 10.89
N GLY A 186 -31.23 21.81 10.16
CA GLY A 186 -31.71 22.34 8.88
C GLY A 186 -30.74 22.30 7.71
N LYS A 187 -29.65 21.56 7.83
CA LYS A 187 -28.58 21.54 6.83
C LYS A 187 -28.12 20.13 6.49
N PRO A 188 -27.77 19.89 5.21
CA PRO A 188 -27.20 18.59 4.88
C PRO A 188 -25.88 18.38 5.61
N LEU A 189 -25.52 17.11 5.82
CA LEU A 189 -24.26 16.78 6.48
C LEU A 189 -23.34 15.94 5.57
N PHE A 190 -22.09 16.37 5.47
CA PHE A 190 -21.12 15.62 4.65
C PHE A 190 -19.92 15.20 5.47
N PHE A 191 -19.53 13.93 5.35
CA PHE A 191 -18.26 13.48 5.89
C PHE A 191 -17.22 13.53 4.78
N ILE A 192 -16.00 13.89 5.13
CA ILE A 192 -14.96 13.95 4.14
C ILE A 192 -13.76 13.08 4.56
N TYR A 193 -13.66 11.92 3.92
CA TYR A 193 -12.63 10.95 4.23
C TYR A 193 -11.24 11.40 3.77
N ASP A 194 -10.22 11.10 4.55
CA ASP A 194 -8.84 11.54 4.25
C ASP A 194 -8.75 13.03 3.86
N SER A 195 -9.51 13.86 4.56
CA SER A 195 -9.57 15.31 4.21
C SER A 195 -8.22 16.03 4.39
N TYR A 196 -7.33 15.45 5.20
CA TYR A 196 -5.99 16.01 5.43
C TYR A 196 -5.09 15.95 4.18
N LEU A 197 -5.45 15.14 3.18
CA LEU A 197 -4.73 15.08 1.90
C LEU A 197 -4.84 16.40 1.10
N ILE A 198 -5.80 17.24 1.48
CA ILE A 198 -5.92 18.58 0.95
C ILE A 198 -5.61 19.55 2.10
N LYS A 199 -4.69 20.49 1.90
CA LYS A 199 -4.25 21.42 2.96
C LYS A 199 -5.39 22.34 3.44
N PRO A 200 -5.38 22.72 4.74
CA PRO A 200 -6.51 23.49 5.28
C PRO A 200 -6.75 24.85 4.63
N ALA A 201 -5.70 25.52 4.13
CA ALA A 201 -5.84 26.76 3.38
C ALA A 201 -6.55 26.53 2.03
N GLU A 202 -6.44 25.32 1.50
CA GLU A 202 -7.18 25.00 0.27
C GLU A 202 -8.65 24.75 0.57
N TRP A 203 -8.94 24.03 1.65
CA TRP A 203 -10.34 23.83 2.09
C TRP A 203 -11.10 25.15 2.34
N ALA A 204 -10.40 26.16 2.88
CA ALA A 204 -10.98 27.47 3.19
C ALA A 204 -11.52 28.24 1.97
N LYS A 205 -10.97 27.96 0.80
CA LYS A 205 -11.47 28.57 -0.43
C LYS A 205 -12.91 28.15 -0.66
N LEU A 206 -13.22 26.95 -0.16
CA LEU A 206 -14.53 26.32 -0.30
C LEU A 206 -15.39 26.59 0.93
N PHE A 207 -14.79 26.57 2.12
CA PHE A 207 -15.58 26.60 3.35
C PHE A 207 -15.58 27.88 4.16
N ALA A 208 -14.65 28.79 3.87
CA ALA A 208 -14.69 30.13 4.49
C ALA A 208 -15.79 30.97 3.84
N ALA A 209 -16.50 31.74 4.65
CA ALA A 209 -17.53 32.65 4.15
C ALA A 209 -17.05 33.48 2.93
N GLY A 210 -15.85 34.03 3.01
CA GLY A 210 -15.34 34.86 1.92
C GLY A 210 -14.45 34.13 0.94
N GLY A 211 -14.39 32.81 1.06
CA GLY A 211 -13.54 31.97 0.20
C GLY A 211 -13.87 32.14 -1.26
N GLU A 212 -12.86 32.00 -2.12
CA GLU A 212 -13.01 32.30 -3.54
C GLU A 212 -13.98 31.38 -4.29
N ILE A 213 -14.17 30.15 -3.81
CA ILE A 213 -15.22 29.27 -4.37
C ILE A 213 -16.24 28.83 -3.32
N SER A 214 -16.53 29.71 -2.38
CA SER A 214 -17.27 29.35 -1.18
C SER A 214 -18.66 28.82 -1.47
N VAL A 215 -19.06 27.85 -0.68
CA VAL A 215 -20.43 27.36 -0.73
C VAL A 215 -21.25 28.00 0.39
N ARG A 216 -20.60 28.78 1.27
CA ARG A 216 -21.31 29.33 2.42
C ARG A 216 -22.45 30.25 1.97
N ASN A 217 -23.61 30.06 2.58
CA ASN A 217 -24.78 30.88 2.32
C ASN A 217 -25.22 30.88 0.86
N THR A 218 -24.90 29.79 0.15
CA THR A 218 -25.50 29.44 -1.14
C THR A 218 -26.45 28.28 -0.83
N LYS A 219 -27.19 27.78 -1.84
CA LYS A 219 -28.06 26.61 -1.66
C LYS A 219 -27.24 25.33 -1.45
N TYR A 220 -25.92 25.45 -1.62
CA TYR A 220 -24.99 24.31 -1.46
C TYR A 220 -24.31 24.26 -0.09
N ASP A 221 -24.85 25.02 0.87
CA ASP A 221 -24.26 25.06 2.20
C ASP A 221 -24.68 23.83 2.98
N GLY A 222 -23.96 23.56 4.06
CA GLY A 222 -24.18 22.38 4.87
C GLY A 222 -23.17 22.32 6.00
N LEU A 223 -23.07 21.13 6.58
CA LEU A 223 -22.19 20.87 7.71
C LEU A 223 -21.15 19.93 7.19
N PHE A 224 -19.91 20.40 7.14
CA PHE A 224 -18.86 19.62 6.51
C PHE A 224 -17.91 19.11 7.58
N ILE A 225 -17.80 17.78 7.63
CA ILE A 225 -17.11 17.11 8.71
C ILE A 225 -15.81 16.52 8.19
N GLY A 226 -14.67 17.03 8.68
CA GLY A 226 -13.39 16.53 8.23
C GLY A 226 -12.87 15.41 9.10
N LEU A 227 -11.98 14.58 8.53
CA LEU A 227 -11.31 13.53 9.28
C LEU A 227 -10.13 14.12 10.07
N THR A 228 -10.09 13.85 11.36
CA THR A 228 -8.96 14.24 12.22
C THR A 228 -8.19 12.99 12.66
N LEU A 229 -6.86 13.09 12.68
CA LEU A 229 -5.97 12.00 13.07
C LEU A 229 -5.46 12.18 14.49
N LYS A 230 -5.38 13.42 14.93
CA LYS A 230 -4.92 13.68 16.29
C LYS A 230 -5.49 14.96 16.89
N GLU A 231 -5.67 14.92 18.21
CA GLU A 231 -6.25 16.03 18.96
C GLU A 231 -5.46 17.32 18.79
N SER A 232 -4.16 17.18 18.58
CA SER A 232 -3.30 18.36 18.44
C SER A 232 -3.44 19.03 17.07
N GLU A 233 -3.99 18.30 16.09
CA GLU A 233 -4.22 18.84 14.75
C GLU A 233 -5.66 19.33 14.53
N LEU A 234 -6.44 19.38 15.61
CA LEU A 234 -7.77 19.97 15.56
C LEU A 234 -7.88 21.41 15.04
N PRO A 235 -6.88 22.28 15.34
CA PRO A 235 -6.89 23.62 14.71
C PRO A 235 -7.00 23.59 13.17
N ASP A 236 -6.59 22.49 12.55
CA ASP A 236 -6.74 22.32 11.11
C ASP A 236 -8.23 22.37 10.69
N ILE A 237 -9.12 21.87 11.54
CA ILE A 237 -10.57 21.96 11.33
C ILE A 237 -11.00 23.43 11.31
N GLU A 238 -10.47 24.22 12.26
CA GLU A 238 -10.72 25.66 12.34
C GLU A 238 -10.20 26.41 11.11
N THR A 239 -8.93 26.17 10.76
CA THR A 239 -8.33 26.82 9.61
C THR A 239 -9.07 26.46 8.32
N ALA A 240 -9.46 25.19 8.22
CA ALA A 240 -10.17 24.71 7.03
C ALA A 240 -11.60 25.26 6.95
N CYS A 241 -12.07 25.87 8.04
CA CYS A 241 -13.45 26.38 8.15
C CYS A 241 -14.52 25.26 8.03
N MET A 242 -14.13 24.04 8.40
CA MET A 242 -15.09 22.94 8.44
CA MET A 242 -15.08 22.92 8.48
C MET A 242 -16.00 23.11 9.68
N ASP A 243 -17.13 22.40 9.69
CA ASP A 243 -18.10 22.57 10.78
C ASP A 243 -17.89 21.55 11.90
N GLY A 244 -17.08 20.54 11.63
CA GLY A 244 -16.89 19.48 12.61
C GLY A 244 -15.86 18.48 12.20
N PHE A 245 -15.71 17.44 13.02
CA PHE A 245 -14.70 16.42 12.75
C PHE A 245 -15.17 15.05 13.25
N TYR A 246 -14.67 14.02 12.59
CA TYR A 246 -14.88 12.61 12.94
C TYR A 246 -13.53 11.90 12.94
N THR A 247 -13.51 10.70 13.54
CA THR A 247 -12.27 9.91 13.77
C THR A 247 -12.14 8.70 12.86
N TYR A 248 -13.27 8.25 12.34
CA TYR A 248 -13.42 7.06 11.47
C TYR A 248 -12.94 5.68 11.97
N PHE A 249 -11.66 5.57 12.27
CA PHE A 249 -11.04 4.24 12.44
C PHE A 249 -11.65 3.43 13.57
N ALA A 250 -12.05 2.19 13.25
CA ALA A 250 -12.69 1.30 14.23
C ALA A 250 -11.71 0.69 15.24
N ALA A 251 -10.42 0.65 14.87
CA ALA A 251 -9.35 0.09 15.67
C ALA A 251 -8.81 1.09 16.72
N THR A 252 -9.10 0.83 17.99
CA THR A 252 -8.70 1.75 19.07
C THR A 252 -7.18 1.91 19.09
N GLY A 253 -6.73 3.14 19.23
CA GLY A 253 -5.30 3.42 19.27
C GLY A 253 -4.60 3.43 17.92
N PHE A 254 -5.33 3.15 16.83
CA PHE A 254 -4.70 3.20 15.49
C PHE A 254 -4.21 4.62 15.17
N THR A 255 -4.97 5.62 15.62
CA THR A 255 -4.53 7.01 15.62
C THR A 255 -4.76 7.58 17.01
N ASN A 256 -4.20 8.75 17.26
CA ASN A 256 -4.49 9.46 18.50
C ASN A 256 -5.98 9.74 18.64
N ALA A 257 -6.60 10.12 17.50
CA ALA A 257 -8.00 10.51 17.49
C ALA A 257 -8.96 9.32 17.65
N SER A 258 -8.52 8.12 17.24
CA SER A 258 -9.30 6.89 17.47
C SER A 258 -8.92 6.18 18.78
N THR A 259 -8.33 6.92 19.70
CA THR A 259 -8.05 6.47 21.07
C THR A 259 -9.13 7.06 21.98
N PRO A 260 -10.06 6.21 22.43
CA PRO A 260 -11.22 6.71 23.17
C PRO A 260 -10.92 7.53 24.43
N ALA A 261 -9.79 7.28 25.10
CA ALA A 261 -9.41 8.11 26.27
C ALA A 261 -9.28 9.60 25.93
N ASN A 262 -9.05 9.93 24.66
CA ASN A 262 -8.96 11.31 24.18
C ASN A 262 -10.28 12.02 23.85
N TRP A 263 -11.41 11.28 23.91
CA TRP A 263 -12.68 11.77 23.40
C TRP A 263 -13.35 12.83 24.25
N LYS A 264 -13.34 12.67 25.57
CA LYS A 264 -13.89 13.74 26.44
C LYS A 264 -13.21 15.10 26.19
N SER A 265 -11.91 15.04 25.94
CA SER A 265 -11.08 16.24 25.72
C SER A 265 -11.33 16.83 24.34
N MET A 266 -11.46 15.95 23.34
CA MET A 266 -11.85 16.34 21.99
C MET A 266 -13.21 17.02 21.94
N GLN A 267 -14.16 16.53 22.73
CA GLN A 267 -15.50 17.14 22.85
C GLN A 267 -15.39 18.55 23.43
N GLN A 268 -14.56 18.69 24.45
CA GLN A 268 -14.30 20.00 25.08
C GLN A 268 -13.69 20.98 24.09
N TRP A 269 -12.79 20.53 23.23
CA TRP A 269 -12.27 21.38 22.17
C TRP A 269 -13.39 21.79 21.22
N ALA A 270 -14.13 20.81 20.68
CA ALA A 270 -15.25 21.09 19.77
C ALA A 270 -16.19 22.16 20.33
N LYS A 271 -16.53 21.98 21.60
CA LYS A 271 -17.48 22.85 22.29
C LYS A 271 -16.96 24.27 22.35
N ALA A 272 -15.66 24.43 22.62
CA ALA A 272 -15.06 25.77 22.78
C ALA A 272 -14.76 26.45 21.45
N HIS A 273 -14.95 25.72 20.35
CA HIS A 273 -14.66 26.24 19.03
C HIS A 273 -15.88 26.19 18.10
N ASN A 274 -17.04 25.88 18.69
CA ASN A 274 -18.31 25.84 17.96
C ASN A 274 -18.26 24.84 16.81
N LYS A 275 -17.71 23.65 17.09
CA LYS A 275 -17.58 22.59 16.11
C LYS A 275 -18.32 21.35 16.59
N LEU A 276 -18.65 20.46 15.64
CA LEU A 276 -19.30 19.20 15.95
C LEU A 276 -18.29 18.05 15.99
N PHE A 277 -18.17 17.40 17.15
CA PHE A 277 -17.35 16.23 17.27
C PHE A 277 -18.26 15.03 17.05
N ILE A 278 -17.86 14.17 16.13
CA ILE A 278 -18.59 12.94 15.85
C ILE A 278 -17.63 11.77 15.98
N PRO A 279 -17.54 11.17 17.17
CA PRO A 279 -16.68 10.01 17.31
C PRO A 279 -17.22 8.85 16.49
N SER A 280 -16.30 8.01 16.03
CA SER A 280 -16.63 6.81 15.29
C SER A 280 -16.35 5.60 16.17
N VAL A 281 -17.33 4.72 16.25
CA VAL A 281 -17.29 3.51 17.08
C VAL A 281 -17.39 2.29 16.18
N GLY A 282 -16.62 1.25 16.48
CA GLY A 282 -16.74 0.01 15.75
C GLY A 282 -16.66 -1.21 16.63
N PRO A 283 -17.10 -2.36 16.09
CA PRO A 283 -17.18 -3.60 16.92
C PRO A 283 -15.88 -4.40 17.01
N GLY A 284 -14.91 -4.05 16.18
CA GLY A 284 -13.68 -4.83 16.07
C GLY A 284 -12.99 -4.37 14.81
N TYR A 285 -11.88 -4.99 14.47
CA TYR A 285 -11.18 -4.71 13.22
C TYR A 285 -10.36 -5.92 12.83
N ILE A 286 -10.41 -6.28 11.55
CA ILE A 286 -9.42 -7.21 11.02
C ILE A 286 -9.43 -7.15 9.50
N ASP A 287 -8.27 -6.94 8.88
CA ASP A 287 -8.24 -6.88 7.41
C ASP A 287 -7.19 -7.76 6.76
N THR A 288 -6.88 -8.87 7.42
CA THR A 288 -5.68 -9.63 7.07
C THR A 288 -5.85 -10.46 5.81
N ARG A 289 -7.10 -10.67 5.38
CA ARG A 289 -7.34 -11.25 4.06
C ARG A 289 -6.79 -10.37 2.93
N ILE A 290 -7.14 -9.08 2.93
CA ILE A 290 -6.69 -8.15 1.89
C ILE A 290 -5.39 -7.44 2.23
N ARG A 291 -5.05 -7.42 3.52
CA ARG A 291 -3.77 -6.84 3.98
C ARG A 291 -3.09 -7.79 4.98
N PRO A 292 -2.47 -8.87 4.47
CA PRO A 292 -1.90 -9.92 5.35
C PRO A 292 -0.81 -9.38 6.31
N TRP A 293 -0.19 -8.26 5.96
CA TRP A 293 0.88 -7.65 6.78
C TRP A 293 0.34 -6.78 7.93
N ASN A 294 -0.98 -6.55 7.95
CA ASN A 294 -1.57 -5.54 8.85
C ASN A 294 -2.18 -6.13 10.13
N GLY A 295 -1.60 -7.22 10.63
CA GLY A 295 -2.07 -7.84 11.87
C GLY A 295 -2.00 -6.95 13.11
N SER A 296 -1.17 -5.89 13.06
CA SER A 296 -1.03 -4.97 14.19
C SER A 296 -2.28 -4.12 14.39
N THR A 297 -3.13 -4.02 13.37
CA THR A 297 -4.37 -3.25 13.48
C THR A 297 -5.54 -4.09 14.01
N THR A 298 -5.37 -5.41 13.97
CA THR A 298 -6.43 -6.35 14.38
C THR A 298 -6.90 -6.05 15.79
N ARG A 299 -8.22 -5.99 15.95
CA ARG A 299 -8.81 -5.86 17.27
C ARG A 299 -9.90 -6.92 17.40
N ASP A 300 -9.71 -7.81 18.37
CA ASP A 300 -10.68 -8.88 18.67
C ASP A 300 -12.00 -8.33 19.19
N ARG A 301 -13.10 -8.92 18.72
CA ARG A 301 -14.44 -8.49 19.14
C ARG A 301 -14.76 -8.86 20.59
N GLU A 302 -14.11 -9.90 21.10
CA GLU A 302 -14.29 -10.33 22.51
C GLU A 302 -15.76 -10.54 22.85
N ASN A 303 -16.51 -11.18 21.95
CA ASN A 303 -17.93 -11.46 22.19
C ASN A 303 -18.74 -10.21 22.53
N GLY A 304 -18.47 -9.14 21.80
CA GLY A 304 -19.22 -7.90 21.97
C GLY A 304 -18.60 -6.91 22.94
N LYS A 305 -17.64 -7.38 23.73
CA LYS A 305 -17.07 -6.53 24.75
C LYS A 305 -16.35 -5.31 24.16
N TYR A 306 -15.60 -5.51 23.09
CA TYR A 306 -14.90 -4.41 22.42
C TYR A 306 -15.86 -3.28 21.98
N TYR A 307 -16.96 -3.68 21.34
CA TYR A 307 -18.01 -2.76 20.88
C TYR A 307 -18.57 -1.98 22.06
N ASP A 308 -18.88 -2.70 23.13
CA ASP A 308 -19.46 -2.11 24.33
C ASP A 308 -18.55 -1.03 24.90
N ASP A 309 -17.24 -1.32 25.01
CA ASP A 309 -16.30 -0.37 25.62
C ASP A 309 -16.22 0.90 24.75
N MET A 310 -16.09 0.69 23.43
CA MET A 310 -15.98 1.81 22.50
C MET A 310 -17.24 2.66 22.41
N TYR A 311 -18.42 2.02 22.41
CA TYR A 311 -19.69 2.77 22.30
C TYR A 311 -19.93 3.56 23.59
N LYS A 312 -19.67 2.92 24.72
CA LYS A 312 -19.69 3.59 26.01
C LYS A 312 -18.82 4.85 26.07
N ALA A 313 -17.58 4.74 25.62
CA ALA A 313 -16.67 5.89 25.63
C ALA A 313 -17.20 7.01 24.73
N ALA A 314 -17.84 6.66 23.60
CA ALA A 314 -18.46 7.69 22.73
C ALA A 314 -19.60 8.45 23.45
N ILE A 315 -20.52 7.71 24.04
CA ILE A 315 -21.63 8.29 24.80
C ILE A 315 -21.10 9.18 25.95
N GLU A 316 -20.15 8.66 26.72
CA GLU A 316 -19.64 9.37 27.89
C GLU A 316 -18.84 10.62 27.55
N SER A 317 -18.34 10.72 26.31
CA SER A 317 -17.59 11.90 25.86
C SER A 317 -18.47 13.15 25.84
N GLY A 318 -19.77 12.94 25.69
CA GLY A 318 -20.72 14.02 25.60
C GLY A 318 -21.11 14.42 24.18
N ALA A 319 -20.48 13.80 23.17
CA ALA A 319 -20.77 14.13 21.76
C ALA A 319 -22.26 14.07 21.41
N SER A 320 -22.72 14.94 20.51
CA SER A 320 -24.14 14.97 20.10
C SER A 320 -24.51 14.00 18.99
N TYR A 321 -23.51 13.47 18.30
CA TYR A 321 -23.72 12.52 17.19
C TYR A 321 -22.71 11.42 17.40
N ILE A 322 -23.07 10.20 17.01
CA ILE A 322 -22.14 9.08 17.04
C ILE A 322 -22.22 8.39 15.68
N SER A 323 -21.06 8.11 15.11
CA SER A 323 -21.02 7.43 13.85
C SER A 323 -20.53 6.00 14.04
N ILE A 324 -21.02 5.07 13.22
CA ILE A 324 -20.65 3.67 13.37
C ILE A 324 -19.84 3.16 12.18
N THR A 325 -18.60 2.76 12.49
CA THR A 325 -17.64 2.14 11.54
C THR A 325 -17.63 0.63 11.84
N SER A 326 -18.44 -0.17 11.14
CA SER A 326 -19.23 0.25 9.97
C SER A 326 -20.51 -0.58 9.86
N PHE A 327 -21.44 -0.17 9.00
CA PHE A 327 -22.48 -1.13 8.65
C PHE A 327 -21.88 -2.33 7.92
N ASN A 328 -21.12 -2.08 6.85
CA ASN A 328 -20.74 -3.18 5.94
C ASN A 328 -19.43 -2.93 5.21
N GLU A 329 -18.41 -2.45 5.93
CA GLU A 329 -17.05 -2.43 5.34
C GLU A 329 -16.43 -3.78 5.64
N TRP A 330 -16.80 -4.78 4.84
CA TRP A 330 -16.39 -6.17 5.08
C TRP A 330 -14.87 -6.39 5.01
N HIS A 331 -14.17 -5.69 4.10
CA HIS A 331 -12.69 -5.86 3.92
C HIS A 331 -11.95 -5.61 5.19
N GLU A 332 -12.48 -4.70 6.00
CA GLU A 332 -11.79 -4.27 7.20
C GLU A 332 -12.34 -4.92 8.46
N GLY A 333 -13.38 -5.74 8.29
CA GLY A 333 -13.88 -6.56 9.42
C GLY A 333 -14.52 -5.72 10.52
N THR A 334 -15.06 -4.55 10.14
CA THR A 334 -15.70 -3.62 11.07
C THR A 334 -17.23 -3.65 11.03
N GLN A 335 -17.79 -4.53 10.18
CA GLN A 335 -19.21 -4.57 9.90
C GLN A 335 -20.06 -4.98 11.10
N ILE A 336 -21.18 -4.26 11.28
CA ILE A 336 -22.18 -4.73 12.23
C ILE A 336 -23.25 -5.60 11.52
N GLU A 337 -23.27 -5.52 10.17
CA GLU A 337 -24.14 -6.39 9.35
C GLU A 337 -24.03 -7.89 9.73
N PRO A 338 -25.17 -8.61 9.76
CA PRO A 338 -25.14 -10.02 10.09
C PRO A 338 -24.13 -10.82 9.31
N ALA A 339 -23.40 -11.67 10.03
CA ALA A 339 -22.40 -12.60 9.50
C ALA A 339 -22.74 -14.02 9.93
N VAL A 340 -22.33 -15.02 9.15
CA VAL A 340 -22.60 -16.43 9.50
C VAL A 340 -21.35 -17.31 9.51
N SER A 341 -21.46 -18.48 10.13
CA SER A 341 -20.41 -19.50 10.10
C SER A 341 -20.18 -19.98 8.68
N LYS A 342 -18.93 -20.07 8.28
CA LYS A 342 -18.60 -20.42 6.91
C LYS A 342 -17.16 -20.89 6.75
N LYS A 343 -17.00 -21.95 5.95
CA LYS A 343 -15.69 -22.47 5.56
C LYS A 343 -15.71 -22.78 4.07
N CYS A 344 -14.67 -22.36 3.35
CA CYS A 344 -14.44 -22.90 2.01
C CYS A 344 -13.11 -23.67 2.02
N ASP A 345 -12.69 -24.18 0.85
CA ASP A 345 -11.40 -24.88 0.74
C ASP A 345 -10.25 -23.98 1.15
N ALA A 346 -10.31 -22.72 0.71
CA ALA A 346 -9.24 -21.76 0.92
C ALA A 346 -9.20 -21.16 2.33
N PHE A 347 -10.36 -21.05 2.97
CA PHE A 347 -10.45 -20.21 4.17
C PHE A 347 -11.58 -20.63 5.09
N GLU A 348 -11.29 -20.62 6.39
CA GLU A 348 -12.34 -20.67 7.38
C GLU A 348 -12.57 -19.28 7.98
N TYR A 349 -13.76 -18.74 7.73
CA TYR A 349 -14.12 -17.38 8.16
C TYR A 349 -14.30 -17.30 9.66
N LEU A 350 -14.00 -16.13 10.22
CA LEU A 350 -14.39 -15.81 11.57
C LEU A 350 -15.91 -15.63 11.52
N ASP A 351 -16.56 -15.66 12.67
CA ASP A 351 -18.00 -15.46 12.73
C ASP A 351 -18.33 -14.88 14.09
N TYR A 352 -19.61 -14.67 14.37
CA TYR A 352 -19.99 -14.12 15.68
C TYR A 352 -20.32 -15.18 16.73
N LYS A 353 -20.11 -16.46 16.42
CA LYS A 353 -20.39 -17.55 17.37
C LYS A 353 -19.69 -17.34 18.72
N PRO A 354 -20.38 -17.63 19.83
CA PRO A 354 -21.70 -18.29 19.88
C PRO A 354 -22.88 -17.33 19.94
N LEU A 355 -22.66 -16.07 19.56
CA LEU A 355 -23.74 -15.09 19.51
C LEU A 355 -24.49 -15.21 18.18
N ALA A 356 -25.68 -14.63 18.14
CA ALA A 356 -26.51 -14.58 16.91
C ALA A 356 -25.90 -13.76 15.77
N ASP A 357 -26.33 -14.10 14.56
CA ASP A 357 -25.96 -13.38 13.35
C ASP A 357 -26.27 -11.88 13.51
N ASP A 358 -27.38 -11.58 14.18
CA ASP A 358 -27.78 -10.20 14.31
C ASP A 358 -27.32 -9.58 15.63
N TYR A 359 -26.39 -10.23 16.32
CA TYR A 359 -25.98 -9.73 17.64
C TYR A 359 -25.61 -8.24 17.61
N TYR A 360 -24.75 -7.87 16.67
CA TYR A 360 -24.28 -6.48 16.62
C TYR A 360 -25.37 -5.48 16.25
N LEU A 361 -26.41 -5.92 15.54
CA LEU A 361 -27.54 -5.02 15.28
C LEU A 361 -28.35 -4.79 16.55
N ILE A 362 -28.69 -5.87 17.25
CA ILE A 362 -29.42 -5.80 18.53
C ILE A 362 -28.64 -4.97 19.57
N ARG A 363 -27.34 -5.22 19.69
CA ARG A 363 -26.47 -4.47 20.62
C ARG A 363 -26.36 -2.98 20.28
N THR A 364 -26.38 -2.66 18.98
CA THR A 364 -26.49 -1.26 18.54
C THR A 364 -27.78 -0.63 19.08
N ALA A 365 -28.93 -1.28 18.88
CA ALA A 365 -30.19 -0.77 19.43
C ALA A 365 -30.07 -0.49 20.94
N TYR A 366 -29.46 -1.42 21.68
CA TYR A 366 -29.17 -1.22 23.11
C TYR A 366 -28.40 0.08 23.38
N TRP A 367 -27.33 0.28 22.62
CA TRP A 367 -26.48 1.47 22.80
C TRP A 367 -27.12 2.77 22.36
N VAL A 368 -27.82 2.75 21.23
CA VAL A 368 -28.66 3.87 20.80
C VAL A 368 -29.62 4.29 21.93
N ASP A 369 -30.27 3.31 22.56
CA ASP A 369 -31.16 3.57 23.70
C ASP A 369 -30.44 4.25 24.87
N GLU A 370 -29.23 3.78 25.19
CA GLU A 370 -28.40 4.36 26.24
C GLU A 370 -28.01 5.81 25.88
N PHE A 371 -27.69 6.01 24.60
CA PHE A 371 -27.35 7.33 24.07
C PHE A 371 -28.53 8.31 24.24
N ARG A 372 -29.74 7.87 23.92
CA ARG A 372 -30.93 8.71 24.08
C ARG A 372 -31.22 9.04 25.55
N LYS A 373 -31.01 8.07 26.43
CA LYS A 373 -31.21 8.28 27.87
C LYS A 373 -30.20 9.29 28.41
N ALA A 374 -29.03 9.35 27.77
CA ALA A 374 -27.96 10.27 28.16
C ALA A 374 -28.12 11.69 27.59
N ARG A 375 -29.12 11.89 26.72
CA ARG A 375 -29.30 13.15 25.99
C ARG A 375 -30.70 13.77 26.09
N SER A 376 -31.73 12.96 26.37
CA SER A 376 -33.15 13.39 26.31
C SER A 376 -33.59 14.24 25.09
N ALA A 377 -34.90 14.40 24.95
CA ALA A 377 -35.53 15.02 23.78
C ALA A 377 -35.20 16.51 23.63
N THR B 37 39.20 -3.59 -14.38
CA THR B 37 39.32 -3.76 -12.91
C THR B 37 38.01 -4.34 -12.32
N LEU B 38 37.20 -4.94 -13.19
CA LEU B 38 35.84 -5.41 -12.93
C LEU B 38 35.71 -6.39 -11.74
N ASP B 39 34.91 -6.03 -10.73
CA ASP B 39 34.81 -6.88 -9.54
C ASP B 39 33.65 -7.88 -9.58
N ASP B 40 33.94 -9.17 -9.51
CA ASP B 40 32.89 -10.21 -9.58
C ASP B 40 32.22 -10.54 -8.22
N HIS B 41 32.50 -9.75 -7.19
CA HIS B 41 31.81 -9.84 -5.90
C HIS B 41 30.98 -8.59 -5.65
N THR B 42 30.86 -7.74 -6.66
CA THR B 42 30.01 -6.56 -6.57
C THR B 42 28.87 -6.67 -7.57
N ILE B 43 27.65 -6.59 -7.07
CA ILE B 43 26.43 -6.94 -7.83
C ILE B 43 25.41 -5.83 -7.76
N SER B 44 25.08 -5.22 -8.88
CA SER B 44 24.02 -4.21 -8.88
C SER B 44 22.66 -4.86 -9.11
N PHE B 45 21.62 -4.23 -8.55
CA PHE B 45 20.24 -4.58 -8.87
C PHE B 45 19.78 -3.82 -10.13
N TYR B 46 19.52 -4.61 -11.17
CA TYR B 46 19.21 -4.12 -12.50
C TYR B 46 17.75 -4.36 -12.88
N TYR B 47 17.14 -3.38 -13.57
CA TYR B 47 15.72 -3.39 -13.91
C TYR B 47 15.55 -3.23 -15.41
N ASN B 48 14.90 -4.25 -15.99
CA ASN B 48 14.76 -4.36 -17.44
C ASN B 48 13.31 -4.15 -17.89
N TRP B 49 12.58 -3.36 -17.13
CA TRP B 49 11.13 -3.24 -17.32
C TRP B 49 10.69 -1.90 -17.95
N TYR B 50 11.64 -1.17 -18.54
CA TYR B 50 11.34 0.15 -19.11
C TYR B 50 11.02 0.03 -20.58
N GLY B 51 10.06 0.85 -21.03
CA GLY B 51 9.69 0.84 -22.43
C GLY B 51 9.18 2.20 -22.87
N ASN B 52 9.20 2.42 -24.18
CA ASN B 52 8.76 3.70 -24.73
C ASN B 52 7.97 3.51 -26.05
N PRO B 53 7.31 4.57 -26.55
CA PRO B 53 6.55 4.45 -27.81
C PRO B 53 7.40 3.97 -28.99
N SER B 54 8.54 4.62 -29.21
CA SER B 54 9.40 4.33 -30.36
C SER B 54 9.89 2.87 -30.47
N VAL B 55 10.28 2.28 -29.34
CA VAL B 55 10.80 0.90 -29.37
C VAL B 55 9.74 -0.13 -29.03
N ASP B 56 8.87 0.18 -28.06
CA ASP B 56 7.89 -0.79 -27.57
C ASP B 56 6.42 -0.53 -27.93
N GLY B 57 6.10 0.70 -28.38
CA GLY B 57 4.72 1.05 -28.76
C GLY B 57 3.93 1.76 -27.68
N GLU B 58 4.43 1.70 -26.44
CA GLU B 58 3.91 2.51 -25.36
C GLU B 58 4.94 2.71 -24.25
N MET B 59 4.72 3.74 -23.42
CA MET B 59 5.51 3.93 -22.20
C MET B 59 5.27 2.75 -21.28
N LYS B 60 6.36 2.14 -20.80
CA LYS B 60 6.28 1.11 -19.74
C LYS B 60 7.14 1.56 -18.54
N HIS B 61 6.52 1.61 -17.36
CA HIS B 61 7.16 2.01 -16.10
C HIS B 61 7.40 3.52 -15.94
N TRP B 62 7.87 4.18 -16.99
CA TRP B 62 7.88 5.65 -17.04
C TRP B 62 6.47 6.20 -16.80
N MET B 63 5.46 5.46 -17.27
CA MET B 63 4.09 5.66 -16.85
C MET B 63 3.86 4.66 -15.73
N HIS B 64 3.19 5.08 -14.67
CA HIS B 64 3.02 4.27 -13.46
C HIS B 64 1.88 4.85 -12.65
N PRO B 65 1.06 3.97 -12.03
CA PRO B 65 0.03 4.41 -11.08
C PRO B 65 0.59 5.13 -9.84
N ILE B 66 -0.21 6.02 -9.27
CA ILE B 66 0.12 6.72 -8.01
C ILE B 66 -0.54 5.95 -6.86
N ALA B 67 0.22 5.67 -5.80
CA ALA B 67 -0.29 4.87 -4.67
C ALA B 67 -0.47 5.65 -3.37
N PRO B 70 -1.23 1.93 2.00
CA PRO B 70 -0.89 1.80 3.42
C PRO B 70 -2.12 1.77 4.37
N GLY B 71 -2.97 0.76 4.25
CA GLY B 71 -4.25 0.71 4.98
C GLY B 71 -5.30 1.63 4.36
N HIS B 72 -5.31 1.67 3.03
CA HIS B 72 -5.91 2.77 2.26
C HIS B 72 -7.31 2.57 1.68
N SER B 73 -7.96 3.70 1.41
CA SER B 73 -9.00 3.81 0.38
C SER B 73 -8.71 4.99 -0.53
N GLY B 74 -8.85 4.77 -1.83
CA GLY B 74 -8.60 5.80 -2.84
C GLY B 74 -8.78 5.29 -4.25
N LEU B 75 -8.88 6.22 -5.20
CA LEU B 75 -8.97 5.88 -6.63
C LEU B 75 -7.83 6.52 -7.42
N VAL B 76 -6.81 7.00 -6.70
CA VAL B 76 -5.75 7.89 -7.23
C VAL B 76 -5.12 7.42 -8.55
N GLY B 77 -4.82 8.40 -9.41
CA GLY B 77 -4.48 8.16 -10.81
C GLY B 77 -3.09 7.64 -11.18
N ALA B 78 -2.47 8.27 -12.15
CA ALA B 78 -1.26 7.74 -12.78
C ALA B 78 -0.38 8.84 -13.32
N ILE B 79 0.93 8.60 -13.33
CA ILE B 79 1.85 9.48 -14.05
C ILE B 79 1.97 8.90 -15.45
N SER B 80 1.84 9.76 -16.46
CA SER B 80 1.64 9.33 -17.86
C SER B 80 2.90 8.87 -18.55
N GLY B 81 4.05 9.37 -18.09
CA GLY B 81 5.31 9.15 -18.79
C GLY B 81 5.48 10.05 -20.01
N LEU B 82 4.43 10.79 -20.38
CA LEU B 82 4.45 11.62 -21.58
C LEU B 82 4.77 13.10 -21.26
N ASN B 83 5.28 13.83 -22.26
CA ASN B 83 5.60 15.26 -22.09
C ASN B 83 6.62 15.50 -20.97
N ASP B 84 7.54 14.54 -20.80
CA ASP B 84 8.59 14.56 -19.77
C ASP B 84 8.05 14.47 -18.34
N ASP B 85 6.82 13.99 -18.20
CA ASP B 85 6.18 13.80 -16.90
C ASP B 85 6.25 12.31 -16.58
N ILE B 86 7.25 11.91 -15.79
CA ILE B 86 7.62 10.50 -15.65
C ILE B 86 7.62 9.99 -14.21
N ALA B 87 7.39 8.69 -14.04
CA ALA B 87 7.14 8.14 -12.71
C ALA B 87 8.40 8.00 -11.82
N CYS B 88 9.12 9.10 -11.62
CA CYS B 88 10.28 9.13 -10.74
C CYS B 88 10.68 10.54 -10.36
N ASN B 89 11.45 10.67 -9.29
CA ASN B 89 11.84 11.98 -8.78
C ASN B 89 13.06 12.58 -9.47
N PHE B 90 13.84 11.73 -10.14
CA PHE B 90 15.03 12.11 -10.93
C PHE B 90 14.74 11.85 -12.40
N TYR B 91 15.58 12.36 -13.30
CA TYR B 91 15.37 12.20 -14.73
C TYR B 91 16.58 11.58 -15.38
N PRO B 92 16.42 10.44 -16.09
CA PRO B 92 17.56 9.76 -16.68
C PRO B 92 18.27 10.56 -17.76
N GLU B 93 19.60 10.59 -17.67
CA GLU B 93 20.43 11.11 -18.76
C GLU B 93 20.04 10.47 -20.09
N LEU B 94 19.68 9.19 -20.07
CA LEU B 94 19.32 8.50 -21.31
C LEU B 94 17.85 8.71 -21.73
N GLY B 95 17.12 9.54 -20.99
CA GLY B 95 15.70 9.82 -21.24
C GLY B 95 14.74 8.68 -20.88
N THR B 96 13.52 8.74 -21.42
CA THR B 96 12.54 7.66 -21.21
C THR B 96 12.93 6.50 -22.11
N TYR B 97 13.97 5.77 -21.71
CA TYR B 97 14.58 4.75 -22.56
C TYR B 97 13.86 3.41 -22.53
N SER B 98 14.21 2.53 -23.48
CA SER B 98 13.63 1.20 -23.54
C SER B 98 14.66 0.14 -23.12
N SER B 99 14.27 -0.75 -22.23
CA SER B 99 15.11 -1.91 -21.89
C SER B 99 15.32 -2.87 -23.05
N ASN B 100 14.56 -2.70 -24.14
CA ASN B 100 14.71 -3.56 -25.32
C ASN B 100 15.55 -2.95 -26.44
N ASP B 101 16.05 -1.75 -26.20
CA ASP B 101 16.90 -1.06 -27.15
C ASP B 101 18.37 -1.49 -27.01
N PRO B 102 18.89 -2.26 -27.99
CA PRO B 102 20.27 -2.78 -27.92
C PRO B 102 21.31 -1.69 -27.58
N GLU B 103 21.04 -0.46 -28.02
CA GLU B 103 21.94 0.67 -27.79
C GLU B 103 21.96 1.08 -26.31
N ILE B 104 20.79 1.00 -25.68
CA ILE B 104 20.65 1.29 -24.26
C ILE B 104 21.36 0.21 -23.45
N ILE B 105 21.15 -1.06 -23.81
CA ILE B 105 21.82 -2.17 -23.13
C ILE B 105 23.34 -2.02 -23.17
N ARG B 106 23.87 -1.72 -24.36
CA ARG B 106 25.29 -1.52 -24.54
C ARG B 106 25.82 -0.41 -23.64
N LYS B 107 25.13 0.73 -23.62
CA LYS B 107 25.51 1.86 -22.77
C LYS B 107 25.43 1.52 -21.28
N HIS B 108 24.40 0.76 -20.90
CA HIS B 108 24.27 0.29 -19.51
C HIS B 108 25.46 -0.57 -19.10
N ILE B 109 25.84 -1.51 -19.95
CA ILE B 109 27.01 -2.35 -19.70
C ILE B 109 28.27 -1.47 -19.51
N ARG B 110 28.46 -0.51 -20.43
CA ARG B 110 29.58 0.43 -20.33
C ARG B 110 29.56 1.22 -19.02
N MET B 111 28.38 1.65 -18.57
CA MET B 111 28.27 2.30 -17.24
C MET B 111 28.74 1.43 -16.07
N HIS B 112 28.49 0.13 -16.17
CA HIS B 112 28.99 -0.84 -15.18
C HIS B 112 30.50 -0.95 -15.23
N ILE B 113 31.08 -0.90 -16.43
CA ILE B 113 32.52 -0.85 -16.60
C ILE B 113 33.12 0.37 -15.87
N LYS B 114 32.50 1.54 -16.08
CA LYS B 114 32.91 2.77 -15.41
C LYS B 114 32.84 2.64 -13.89
N ALA B 115 31.85 1.89 -13.40
CA ALA B 115 31.67 1.68 -11.96
C ALA B 115 32.51 0.56 -11.36
N ASN B 116 33.20 -0.20 -12.21
CA ASN B 116 33.98 -1.38 -11.80
C ASN B 116 33.09 -2.52 -11.25
N VAL B 117 31.83 -2.52 -11.65
CA VAL B 117 30.88 -3.53 -11.17
C VAL B 117 30.77 -4.64 -12.22
N GLY B 118 31.12 -5.85 -11.83
CA GLY B 118 31.16 -6.97 -12.74
C GLY B 118 29.92 -7.84 -12.78
N VAL B 119 28.95 -7.58 -11.90
CA VAL B 119 27.77 -8.46 -11.84
C VAL B 119 26.50 -7.64 -11.82
N LEU B 120 25.57 -7.99 -12.69
CA LEU B 120 24.24 -7.38 -12.70
C LEU B 120 23.26 -8.45 -12.27
N SER B 121 22.40 -8.13 -11.32
CA SER B 121 21.30 -9.01 -10.95
C SER B 121 19.98 -8.51 -11.54
N VAL B 122 19.52 -9.17 -12.60
CA VAL B 122 18.36 -8.70 -13.35
C VAL B 122 17.05 -9.15 -12.71
N THR B 123 16.18 -8.18 -12.44
CA THR B 123 14.80 -8.41 -12.01
C THR B 123 14.11 -9.54 -12.85
N TRP B 124 13.46 -10.48 -12.16
CA TRP B 124 12.86 -11.65 -12.81
C TRP B 124 11.44 -11.94 -12.32
N TRP B 125 10.49 -11.85 -13.24
CA TRP B 125 9.07 -11.93 -12.86
C TRP B 125 8.32 -13.21 -13.27
N GLY B 126 9.04 -14.32 -13.40
CA GLY B 126 8.40 -15.61 -13.62
C GLY B 126 8.12 -15.91 -15.07
N GLU B 127 7.12 -16.77 -15.34
CA GLU B 127 6.90 -17.24 -16.72
C GLU B 127 6.69 -16.11 -17.71
N SER B 128 6.00 -15.06 -17.29
CA SER B 128 5.80 -13.89 -18.15
C SER B 128 7.14 -13.35 -18.67
N ASP B 129 8.24 -13.68 -17.99
CA ASP B 129 9.57 -13.26 -18.41
C ASP B 129 10.31 -14.27 -19.31
N TYR B 130 9.78 -15.48 -19.45
CA TYR B 130 10.36 -16.46 -20.38
C TYR B 130 10.46 -15.87 -21.78
N GLY B 131 11.51 -16.24 -22.52
CA GLY B 131 11.73 -15.71 -23.87
C GLY B 131 11.92 -14.21 -23.96
N ASN B 132 12.31 -13.60 -22.84
CA ASN B 132 12.48 -12.15 -22.74
C ASN B 132 13.66 -11.65 -23.58
N GLN B 133 13.36 -10.79 -24.53
CA GLN B 133 14.38 -10.23 -25.43
C GLN B 133 15.56 -9.58 -24.69
N SER B 134 15.28 -8.76 -23.69
CA SER B 134 16.32 -7.93 -23.09
C SER B 134 17.34 -8.70 -22.24
N VAL B 135 16.92 -9.85 -21.68
CA VAL B 135 17.82 -10.72 -20.91
C VAL B 135 18.93 -11.24 -21.81
N SER B 136 18.56 -11.64 -23.03
CA SER B 136 19.52 -12.20 -23.99
C SER B 136 20.46 -11.14 -24.51
N LEU B 137 19.94 -9.94 -24.74
CA LEU B 137 20.79 -8.81 -25.12
C LEU B 137 21.73 -8.44 -23.97
N LEU B 138 21.23 -8.51 -22.73
CA LEU B 138 22.06 -8.15 -21.57
C LEU B 138 23.25 -9.10 -21.43
N LEU B 139 22.98 -10.40 -21.58
CA LEU B 139 24.02 -11.44 -21.53
C LEU B 139 25.02 -11.31 -22.68
N ASP B 140 24.52 -11.08 -23.89
CA ASP B 140 25.39 -10.90 -25.04
C ASP B 140 26.35 -9.71 -24.84
N GLU B 141 25.82 -8.58 -24.38
CA GLU B 141 26.66 -7.38 -24.17
C GLU B 141 27.65 -7.52 -23.02
N ALA B 142 27.21 -8.12 -21.90
CA ALA B 142 28.11 -8.41 -20.77
C ALA B 142 29.29 -9.31 -21.18
N ALA B 143 29.01 -10.32 -22.00
CA ALA B 143 30.06 -11.25 -22.45
C ALA B 143 31.17 -10.58 -23.26
N LYS B 144 30.88 -9.44 -23.86
CA LYS B 144 31.86 -8.72 -24.69
C LYS B 144 32.92 -8.03 -23.83
N VAL B 145 32.57 -7.79 -22.56
CA VAL B 145 33.44 -7.01 -21.67
C VAL B 145 33.87 -7.75 -20.39
N GLY B 146 33.37 -8.96 -20.18
CA GLY B 146 33.72 -9.76 -19.00
C GLY B 146 32.74 -9.57 -17.83
N ALA B 147 31.62 -8.89 -18.06
CA ALA B 147 30.60 -8.74 -17.02
C ALA B 147 29.72 -10.00 -16.91
N LYS B 148 29.00 -10.12 -15.78
CA LYS B 148 28.20 -11.32 -15.47
C LYS B 148 26.75 -10.98 -15.09
N VAL B 149 25.82 -11.90 -15.32
CA VAL B 149 24.42 -11.65 -14.97
C VAL B 149 23.92 -12.75 -14.07
N CYS B 150 23.29 -12.37 -12.96
CA CYS B 150 22.46 -13.28 -12.19
C CYS B 150 21.03 -12.77 -12.15
N PHE B 151 20.20 -13.47 -11.38
CA PHE B 151 18.76 -13.29 -11.41
C PHE B 151 18.20 -13.00 -10.02
N HIS B 152 17.28 -12.05 -9.99
CA HIS B 152 16.67 -11.52 -8.78
C HIS B 152 15.20 -11.92 -8.83
N ILE B 153 14.84 -12.97 -8.08
CA ILE B 153 13.51 -13.59 -8.18
C ILE B 153 12.46 -12.76 -7.44
N GLU B 154 11.60 -12.10 -8.20
CA GLU B 154 10.61 -11.19 -7.61
C GLU B 154 9.36 -11.98 -7.18
N PRO B 155 8.47 -11.36 -6.37
CA PRO B 155 7.23 -12.04 -5.96
C PRO B 155 6.20 -11.98 -7.10
N PHE B 156 6.42 -12.76 -8.14
CA PHE B 156 5.46 -12.87 -9.26
C PHE B 156 4.16 -13.61 -8.88
N ASN B 157 3.12 -13.46 -9.71
CA ASN B 157 1.84 -14.13 -9.51
C ASN B 157 2.01 -15.65 -9.41
N GLY B 158 1.51 -16.23 -8.30
CA GLY B 158 1.60 -17.68 -8.07
C GLY B 158 2.95 -18.23 -7.60
N ARG B 159 3.87 -17.34 -7.21
CA ARG B 159 5.17 -17.80 -6.73
C ARG B 159 4.98 -18.75 -5.55
N SER B 160 5.58 -19.92 -5.65
CA SER B 160 5.53 -20.91 -4.61
C SER B 160 6.81 -21.70 -4.76
N PRO B 161 7.13 -22.61 -3.82
CA PRO B 161 8.33 -23.42 -4.03
C PRO B 161 8.36 -24.16 -5.36
N GLN B 162 7.21 -24.69 -5.79
CA GLN B 162 7.15 -25.40 -7.08
C GLN B 162 7.41 -24.46 -8.26
N THR B 163 6.78 -23.29 -8.26
CA THR B 163 6.97 -22.35 -9.37
C THR B 163 8.37 -21.71 -9.35
N VAL B 164 8.92 -21.48 -8.16
CA VAL B 164 10.33 -21.07 -8.06
C VAL B 164 11.21 -22.13 -8.68
N ARG B 165 10.94 -23.40 -8.38
CA ARG B 165 11.70 -24.47 -9.00
C ARG B 165 11.60 -24.45 -10.52
N GLU B 166 10.38 -24.24 -11.06
CA GLU B 166 10.25 -24.20 -12.52
C GLU B 166 11.08 -23.07 -13.14
N ASN B 167 11.16 -21.96 -12.42
CA ASN B 167 11.86 -20.78 -12.93
C ASN B 167 13.37 -20.95 -12.88
N ILE B 168 13.86 -21.56 -11.81
CA ILE B 168 15.28 -21.95 -11.71
C ILE B 168 15.64 -22.86 -12.88
N GLN B 169 14.81 -23.89 -13.11
CA GLN B 169 15.00 -24.80 -14.25
C GLN B 169 15.04 -24.03 -15.57
N TYR B 170 14.12 -23.08 -15.74
CA TYR B 170 14.09 -22.29 -16.99
C TYR B 170 15.39 -21.48 -17.15
N ILE B 171 15.78 -20.77 -16.09
CA ILE B 171 16.94 -19.88 -16.14
C ILE B 171 18.25 -20.68 -16.40
N VAL B 172 18.44 -21.76 -15.64
CA VAL B 172 19.61 -22.66 -15.85
C VAL B 172 19.57 -23.30 -17.25
N ASP B 173 18.45 -23.92 -17.63
CA ASP B 173 18.31 -24.50 -18.98
C ASP B 173 18.60 -23.51 -20.09
N THR B 174 18.08 -22.30 -19.97
CA THR B 174 18.16 -21.35 -21.07
C THR B 174 19.45 -20.54 -21.06
N TYR B 175 19.92 -20.13 -19.88
CA TYR B 175 21.06 -19.20 -19.82
C TYR B 175 22.33 -19.77 -19.20
N GLY B 176 22.20 -20.90 -18.50
CA GLY B 176 23.33 -21.47 -17.75
C GLY B 176 24.60 -21.73 -18.54
N ASP B 177 24.46 -21.97 -19.85
CA ASP B 177 25.61 -22.19 -20.73
C ASP B 177 26.17 -20.90 -21.31
N HIS B 178 25.51 -19.78 -21.07
CA HIS B 178 25.98 -18.51 -21.62
C HIS B 178 27.31 -18.09 -20.95
N PRO B 179 28.28 -17.64 -21.75
CA PRO B 179 29.56 -17.24 -21.16
C PRO B 179 29.45 -16.21 -20.04
N ALA B 180 28.41 -15.37 -20.10
CA ALA B 180 28.23 -14.28 -19.12
C ALA B 180 27.23 -14.66 -18.02
N PHE B 181 26.82 -15.92 -17.96
CA PHE B 181 26.02 -16.39 -16.84
C PHE B 181 26.87 -16.42 -15.54
N TYR B 182 26.49 -15.64 -14.53
CA TYR B 182 27.27 -15.53 -13.28
C TYR B 182 27.35 -16.82 -12.50
N ARG B 183 28.57 -17.16 -12.06
CA ARG B 183 28.77 -18.15 -11.00
C ARG B 183 29.80 -17.61 -9.99
N THR B 184 29.67 -18.03 -8.74
CA THR B 184 30.66 -17.74 -7.70
C THR B 184 30.71 -19.00 -6.82
N HIS B 185 31.89 -19.37 -6.36
CA HIS B 185 32.08 -20.69 -5.72
C HIS B 185 31.52 -21.84 -6.60
N GLY B 186 31.63 -21.71 -7.91
CA GLY B 186 31.20 -22.76 -8.83
C GLY B 186 29.72 -22.89 -9.05
N LYS B 187 28.95 -21.96 -8.49
CA LYS B 187 27.47 -22.06 -8.49
C LYS B 187 26.75 -20.77 -8.90
N PRO B 188 25.61 -20.90 -9.61
CA PRO B 188 24.74 -19.76 -9.87
C PRO B 188 24.25 -19.18 -8.56
N LEU B 189 23.94 -17.88 -8.56
CA LEU B 189 23.49 -17.18 -7.37
C LEU B 189 22.13 -16.58 -7.62
N PHE B 190 21.15 -16.84 -6.73
CA PHE B 190 19.82 -16.26 -6.90
C PHE B 190 19.43 -15.44 -5.68
N PHE B 191 18.99 -14.21 -5.91
CA PHE B 191 18.35 -13.42 -4.86
C PHE B 191 16.86 -13.66 -4.90
N ILE B 192 16.23 -13.74 -3.72
CA ILE B 192 14.80 -14.00 -3.66
C ILE B 192 14.14 -12.94 -2.81
N TYR B 193 13.48 -12.00 -3.50
CA TYR B 193 12.90 -10.83 -2.89
C TYR B 193 11.63 -11.20 -2.13
N ASP B 194 11.42 -10.54 -0.98
CA ASP B 194 10.35 -10.90 -0.04
C ASP B 194 10.15 -12.41 0.12
N SER B 195 11.26 -13.13 0.34
CA SER B 195 11.21 -14.58 0.52
C SER B 195 10.35 -14.99 1.72
N TYR B 196 10.20 -14.08 2.69
CA TYR B 196 9.36 -14.32 3.88
C TYR B 196 7.89 -14.64 3.55
N LEU B 197 7.41 -14.21 2.37
CA LEU B 197 6.02 -14.51 1.93
C LEU B 197 5.72 -16.01 1.79
N ILE B 198 6.77 -16.81 1.75
CA ILE B 198 6.65 -18.26 1.68
C ILE B 198 7.31 -18.79 2.95
N LYS B 199 6.63 -19.69 3.65
CA LYS B 199 7.09 -20.18 4.96
C LYS B 199 8.41 -20.96 4.85
N PRO B 200 9.30 -20.80 5.84
CA PRO B 200 10.58 -21.52 5.82
C PRO B 200 10.45 -23.05 5.60
N ALA B 201 9.41 -23.67 6.16
CA ALA B 201 9.18 -25.10 6.00
C ALA B 201 8.79 -25.44 4.58
N GLU B 202 8.22 -24.45 3.87
CA GLU B 202 7.88 -24.61 2.47
C GLU B 202 9.11 -24.47 1.58
N TRP B 203 9.93 -23.45 1.87
CA TRP B 203 11.25 -23.33 1.24
C TRP B 203 12.09 -24.61 1.38
N ALA B 204 12.02 -25.27 2.54
CA ALA B 204 12.79 -26.49 2.82
C ALA B 204 12.47 -27.67 1.90
N LYS B 205 11.26 -27.70 1.30
CA LYS B 205 10.96 -28.72 0.29
C LYS B 205 11.85 -28.56 -0.94
N LEU B 206 12.23 -27.31 -1.21
CA LEU B 206 13.09 -26.93 -2.33
C LEU B 206 14.59 -26.92 -1.95
N PHE B 207 14.92 -26.44 -0.76
CA PHE B 207 16.33 -26.16 -0.44
C PHE B 207 17.03 -27.14 0.51
N ALA B 208 16.27 -27.90 1.31
CA ALA B 208 16.87 -28.97 2.09
C ALA B 208 17.28 -30.12 1.19
N ALA B 209 18.45 -30.68 1.48
CA ALA B 209 18.95 -31.88 0.78
C ALA B 209 17.90 -32.98 0.64
N GLY B 210 17.14 -33.24 1.71
CA GLY B 210 16.11 -34.26 1.67
C GLY B 210 14.73 -33.80 1.18
N GLY B 211 14.58 -32.51 0.90
CA GLY B 211 13.27 -31.91 0.55
C GLY B 211 12.56 -32.57 -0.62
N GLU B 212 11.24 -32.52 -0.64
CA GLU B 212 10.47 -33.33 -1.61
C GLU B 212 10.63 -32.92 -3.07
N ILE B 213 10.98 -31.65 -3.30
CA ILE B 213 11.24 -31.14 -4.65
C ILE B 213 12.64 -30.47 -4.70
N SER B 214 13.56 -31.02 -3.91
CA SER B 214 14.88 -30.40 -3.72
C SER B 214 15.65 -30.25 -5.03
N VAL B 215 16.37 -29.14 -5.15
CA VAL B 215 17.29 -28.94 -6.25
C VAL B 215 18.74 -29.25 -5.82
N ARG B 216 18.92 -29.60 -4.55
CA ARG B 216 20.26 -29.79 -4.01
C ARG B 216 20.95 -30.99 -4.69
N ASN B 217 22.15 -30.76 -5.18
CA ASN B 217 22.91 -31.83 -5.84
C ASN B 217 22.33 -32.33 -7.17
N THR B 218 21.46 -31.50 -7.75
CA THR B 218 20.99 -31.65 -9.12
C THR B 218 21.73 -30.61 -9.96
N LYS B 219 21.49 -30.61 -11.27
CA LYS B 219 22.04 -29.58 -12.13
C LYS B 219 21.39 -28.21 -11.88
N TYR B 220 20.38 -28.17 -11.00
CA TYR B 220 19.67 -26.92 -10.68
C TYR B 220 20.06 -26.35 -9.31
N ASP B 221 21.17 -26.82 -8.76
CA ASP B 221 21.62 -26.32 -7.47
C ASP B 221 22.28 -24.95 -7.65
N GLY B 222 22.42 -24.22 -6.57
CA GLY B 222 22.91 -22.85 -6.65
C GLY B 222 23.10 -22.31 -5.25
N LEU B 223 23.35 -21.01 -5.17
CA LEU B 223 23.36 -20.33 -3.90
C LEU B 223 22.13 -19.45 -3.87
N PHE B 224 21.26 -19.72 -2.89
CA PHE B 224 19.99 -19.03 -2.82
C PHE B 224 19.96 -18.11 -1.63
N ILE B 225 19.72 -16.84 -1.95
CA ILE B 225 19.87 -15.74 -1.03
C ILE B 225 18.53 -15.08 -0.73
N GLY B 226 18.06 -15.27 0.50
CA GLY B 226 16.76 -14.75 0.92
C GLY B 226 16.82 -13.34 1.47
N LEU B 227 15.72 -12.61 1.38
CA LEU B 227 15.64 -11.26 1.93
C LEU B 227 15.41 -11.36 3.44
N THR B 228 16.30 -10.74 4.22
CA THR B 228 16.09 -10.63 5.66
C THR B 228 15.63 -9.22 6.01
N LEU B 229 14.64 -9.12 6.90
CA LEU B 229 14.12 -7.83 7.34
C LEU B 229 14.66 -7.47 8.70
N LYS B 230 14.98 -8.48 9.49
CA LYS B 230 15.47 -8.23 10.82
C LYS B 230 16.37 -9.33 11.34
N GLU B 231 17.32 -8.90 12.17
CA GLU B 231 18.27 -9.82 12.75
C GLU B 231 17.66 -10.94 13.57
N SER B 232 16.58 -10.63 14.29
CA SER B 232 15.94 -11.65 15.14
C SER B 232 15.35 -12.78 14.29
N GLU B 233 15.18 -12.51 13.00
CA GLU B 233 14.64 -13.49 12.05
C GLU B 233 15.69 -14.20 11.18
N LEU B 234 16.97 -14.03 11.51
CA LEU B 234 18.01 -14.75 10.77
C LEU B 234 17.89 -16.29 10.88
N PRO B 235 17.45 -16.84 12.06
CA PRO B 235 17.26 -18.30 12.09
C PRO B 235 16.32 -18.82 10.99
N ASP B 236 15.41 -17.98 10.51
CA ASP B 236 14.52 -18.38 9.42
C ASP B 236 15.27 -18.78 8.14
N ILE B 237 16.38 -18.11 7.86
CA ILE B 237 17.30 -18.46 6.76
C ILE B 237 17.81 -19.91 6.88
N GLU B 238 18.17 -20.30 8.10
CA GLU B 238 18.60 -21.68 8.39
C GLU B 238 17.49 -22.71 8.19
N THR B 239 16.30 -22.43 8.71
CA THR B 239 15.17 -23.33 8.56
C THR B 239 14.77 -23.47 7.09
N ALA B 240 14.86 -22.37 6.35
CA ALA B 240 14.54 -22.40 4.92
C ALA B 240 15.59 -23.15 4.11
N CYS B 241 16.75 -23.37 4.73
CA CYS B 241 17.89 -24.03 4.08
C CYS B 241 18.45 -23.19 2.93
N MET B 242 18.31 -21.87 3.04
CA MET B 242 18.96 -20.98 2.07
C MET B 242 20.43 -20.81 2.43
N ASP B 243 21.20 -20.27 1.48
CA ASP B 243 22.64 -20.23 1.53
C ASP B 243 23.14 -18.90 2.09
N GLY B 244 22.26 -17.91 2.08
CA GLY B 244 22.63 -16.59 2.55
C GLY B 244 21.47 -15.63 2.65
N PHE B 245 21.78 -14.38 2.98
CA PHE B 245 20.76 -13.37 3.13
C PHE B 245 21.27 -12.02 2.62
N TYR B 246 20.34 -11.19 2.13
CA TYR B 246 20.63 -9.85 1.68
C TYR B 246 19.62 -8.91 2.25
N THR B 247 19.86 -7.61 2.13
CA THR B 247 19.00 -6.66 2.86
C THR B 247 18.13 -5.80 1.96
N TYR B 248 18.55 -5.67 0.71
CA TYR B 248 17.87 -4.89 -0.34
C TYR B 248 17.69 -3.38 -0.10
N PHE B 249 16.88 -2.99 0.90
CA PHE B 249 16.40 -1.61 1.01
C PHE B 249 17.52 -0.57 1.16
N ALA B 250 17.46 0.45 0.30
CA ALA B 250 18.49 1.49 0.21
C ALA B 250 18.40 2.50 1.35
N ALA B 251 17.21 2.66 1.92
CA ALA B 251 16.97 3.64 2.99
C ALA B 251 17.37 3.11 4.35
N THR B 252 18.39 3.74 4.92
CA THR B 252 18.93 3.33 6.22
C THR B 252 17.86 3.45 7.30
N GLY B 253 17.76 2.41 8.11
CA GLY B 253 16.76 2.40 9.20
C GLY B 253 15.34 1.99 8.80
N PHE B 254 15.07 1.85 7.50
CA PHE B 254 13.74 1.37 7.07
C PHE B 254 13.42 0.01 7.68
N THR B 255 14.38 -0.92 7.63
CA THR B 255 14.26 -2.16 8.38
C THR B 255 15.43 -2.25 9.34
N ASN B 256 15.31 -3.13 10.31
CA ASN B 256 16.42 -3.49 11.19
C ASN B 256 17.63 -3.96 10.37
N ALA B 257 17.39 -4.82 9.35
CA ALA B 257 18.47 -5.33 8.48
C ALA B 257 19.12 -4.27 7.60
N SER B 258 18.40 -3.20 7.28
CA SER B 258 18.95 -2.13 6.46
C SER B 258 19.48 -0.97 7.31
N THR B 259 19.81 -1.28 8.57
CA THR B 259 20.50 -0.34 9.48
C THR B 259 21.98 -0.75 9.52
N PRO B 260 22.84 0.06 8.88
CA PRO B 260 24.25 -0.34 8.73
C PRO B 260 24.98 -0.58 10.06
N ALA B 261 24.56 0.09 11.14
CA ALA B 261 25.17 -0.21 12.46
C ALA B 261 25.09 -1.70 12.82
N ASN B 262 24.11 -2.41 12.24
CA ASN B 262 23.94 -3.85 12.49
C ASN B 262 24.70 -4.79 11.55
N TRP B 263 25.31 -4.25 10.51
CA TRP B 263 25.89 -5.12 9.50
C TRP B 263 27.08 -5.94 10.02
N LYS B 264 27.91 -5.33 10.87
CA LYS B 264 29.04 -6.04 11.47
C LYS B 264 28.61 -7.35 12.15
N SER B 265 27.64 -7.29 13.03
CA SER B 265 27.21 -8.52 13.73
C SER B 265 26.42 -9.46 12.83
N MET B 266 25.77 -8.91 11.79
CA MET B 266 25.12 -9.77 10.79
C MET B 266 26.15 -10.62 10.05
N GLN B 267 27.28 -10.00 9.67
CA GLN B 267 28.41 -10.74 9.07
C GLN B 267 28.95 -11.80 10.01
N GLN B 268 29.05 -11.45 11.29
CA GLN B 268 29.55 -12.39 12.28
C GLN B 268 28.56 -13.55 12.47
N TRP B 269 27.26 -13.22 12.54
CA TRP B 269 26.22 -14.25 12.57
C TRP B 269 26.39 -15.19 11.37
N ALA B 270 26.57 -14.61 10.18
CA ALA B 270 26.62 -15.40 8.92
C ALA B 270 27.76 -16.41 8.91
N LYS B 271 28.94 -15.94 9.28
CA LYS B 271 30.12 -16.80 9.38
C LYS B 271 29.89 -17.91 10.42
N ALA B 272 29.33 -17.55 11.57
CA ALA B 272 29.04 -18.53 12.63
C ALA B 272 28.06 -19.58 12.17
N HIS B 273 27.27 -19.27 11.14
CA HIS B 273 26.23 -20.19 10.71
C HIS B 273 26.44 -20.75 9.30
N ASN B 274 27.63 -20.53 8.74
CA ASN B 274 27.97 -20.93 7.37
C ASN B 274 26.95 -20.42 6.34
N LYS B 275 26.55 -19.16 6.48
CA LYS B 275 25.72 -18.50 5.46
C LYS B 275 26.50 -17.35 4.85
N LEU B 276 26.13 -16.92 3.65
CA LEU B 276 26.67 -15.66 3.10
C LEU B 276 25.79 -14.44 3.38
N PHE B 277 26.39 -13.40 3.95
CA PHE B 277 25.74 -12.12 4.16
C PHE B 277 26.07 -11.19 2.98
N ILE B 278 25.03 -10.61 2.38
CA ILE B 278 25.19 -9.69 1.28
C ILE B 278 24.42 -8.39 1.53
N PRO B 279 25.11 -7.39 2.13
CA PRO B 279 24.47 -6.12 2.45
C PRO B 279 24.11 -5.41 1.16
N SER B 280 23.10 -4.56 1.23
CA SER B 280 22.77 -3.76 0.08
C SER B 280 22.98 -2.30 0.39
N VAL B 281 23.75 -1.65 -0.47
CA VAL B 281 24.10 -0.23 -0.33
CA VAL B 281 24.05 -0.23 -0.30
C VAL B 281 23.41 0.59 -1.40
N GLY B 282 22.95 1.78 -1.04
CA GLY B 282 22.31 2.68 -2.00
C GLY B 282 22.80 4.09 -1.81
N PRO B 283 22.60 4.95 -2.85
CA PRO B 283 23.06 6.35 -2.80
C PRO B 283 22.06 7.32 -2.14
N GLY B 284 20.86 6.83 -1.85
CA GLY B 284 19.80 7.63 -1.27
C GLY B 284 18.48 6.93 -1.52
N TYR B 285 17.36 7.60 -1.19
CA TYR B 285 16.01 7.06 -1.44
C TYR B 285 14.98 8.18 -1.51
N ILE B 286 14.10 8.14 -2.52
CA ILE B 286 12.89 8.97 -2.61
C ILE B 286 11.94 8.36 -3.65
N ASP B 287 10.69 8.14 -3.24
CA ASP B 287 9.71 7.55 -4.14
C ASP B 287 8.38 8.29 -4.09
N THR B 288 8.43 9.58 -3.80
CA THR B 288 7.22 10.34 -3.51
C THR B 288 6.38 10.65 -4.73
N ARG B 289 6.95 10.56 -5.93
CA ARG B 289 6.11 10.71 -7.12
C ARG B 289 5.07 9.57 -7.25
N ILE B 290 5.54 8.31 -7.16
CA ILE B 290 4.63 7.14 -7.15
C ILE B 290 3.96 6.84 -5.79
N ARG B 291 4.61 7.24 -4.69
CA ARG B 291 4.07 7.08 -3.33
C ARG B 291 4.14 8.40 -2.54
N PRO B 292 3.25 9.37 -2.86
CA PRO B 292 3.30 10.67 -2.20
C PRO B 292 3.28 10.58 -0.66
N TRP B 293 2.66 9.53 -0.11
CA TRP B 293 2.58 9.31 1.34
C TRP B 293 3.89 8.86 2.03
N ASN B 294 4.88 8.41 1.25
CA ASN B 294 6.07 7.77 1.81
C ASN B 294 7.28 8.71 2.08
N GLY B 295 7.01 9.98 2.41
CA GLY B 295 8.08 10.94 2.75
C GLY B 295 9.04 10.52 3.86
N SER B 296 8.61 9.65 4.77
CA SER B 296 9.46 9.26 5.91
C SER B 296 10.60 8.30 5.55
N THR B 297 10.54 7.73 4.34
CA THR B 297 11.57 6.81 3.84
C THR B 297 12.63 7.56 3.02
N THR B 298 12.31 8.79 2.63
CA THR B 298 13.21 9.64 1.86
C THR B 298 14.56 9.78 2.60
N ARG B 299 15.66 9.62 1.86
CA ARG B 299 17.01 9.82 2.41
C ARG B 299 17.75 10.71 1.41
N ASP B 300 18.24 11.86 1.86
CA ASP B 300 18.88 12.81 0.94
C ASP B 300 20.26 12.28 0.59
N ARG B 301 20.67 12.45 -0.67
CA ARG B 301 22.00 11.98 -1.14
C ARG B 301 23.15 12.79 -0.55
N GLU B 302 22.87 14.07 -0.26
CA GLU B 302 23.84 14.98 0.38
C GLU B 302 25.17 14.99 -0.37
N ASN B 303 25.08 15.21 -1.67
CA ASN B 303 26.26 15.34 -2.53
C ASN B 303 27.23 14.16 -2.42
N GLY B 304 26.68 12.95 -2.26
CA GLY B 304 27.49 11.74 -2.25
C GLY B 304 27.86 11.24 -0.86
N LYS B 305 27.55 12.01 0.18
CA LYS B 305 27.90 11.61 1.56
C LYS B 305 27.11 10.37 2.02
N TYR B 306 25.83 10.33 1.69
CA TYR B 306 25.00 9.20 2.09
C TYR B 306 25.56 7.86 1.58
N TYR B 307 25.85 7.82 0.29
CA TYR B 307 26.45 6.67 -0.37
C TYR B 307 27.79 6.27 0.26
N ASP B 308 28.67 7.28 0.49
CA ASP B 308 29.97 7.05 1.13
C ASP B 308 29.80 6.33 2.45
N ASP B 309 28.93 6.85 3.31
CA ASP B 309 28.75 6.30 4.66
C ASP B 309 28.19 4.87 4.62
N MET B 310 27.21 4.66 3.75
CA MET B 310 26.65 3.30 3.62
C MET B 310 27.63 2.29 3.01
N TYR B 311 28.39 2.70 1.98
CA TYR B 311 29.29 1.76 1.30
C TYR B 311 30.43 1.40 2.24
N LYS B 312 30.98 2.41 2.91
CA LYS B 312 32.02 2.20 3.90
C LYS B 312 31.58 1.21 4.99
N ALA B 313 30.38 1.38 5.55
CA ALA B 313 29.88 0.47 6.58
C ALA B 313 29.74 -0.98 6.06
N ALA B 314 29.37 -1.12 4.79
CA ALA B 314 29.26 -2.45 4.16
C ALA B 314 30.64 -3.10 4.06
N ILE B 315 31.62 -2.32 3.60
CA ILE B 315 32.97 -2.81 3.48
C ILE B 315 33.52 -3.14 4.89
N GLU B 316 33.27 -2.25 5.85
CA GLU B 316 33.77 -2.44 7.22
C GLU B 316 33.11 -3.61 7.95
N SER B 317 31.92 -4.03 7.48
CA SER B 317 31.25 -5.16 8.11
C SER B 317 32.07 -6.43 7.99
N GLY B 318 32.96 -6.49 7.00
CA GLY B 318 33.69 -7.72 6.67
C GLY B 318 32.99 -8.63 5.64
N ALA B 319 31.83 -8.21 5.13
CA ALA B 319 31.10 -9.04 4.16
C ALA B 319 31.95 -9.31 2.92
N SER B 320 31.78 -10.49 2.32
CA SER B 320 32.52 -10.94 1.12
C SER B 320 31.91 -10.51 -0.21
N TYR B 321 30.63 -10.12 -0.18
CA TYR B 321 29.87 -9.64 -1.36
C TYR B 321 29.15 -8.36 -0.98
N ILE B 322 29.05 -7.43 -1.92
CA ILE B 322 28.26 -6.23 -1.67
C ILE B 322 27.28 -6.07 -2.83
N SER B 323 26.01 -5.76 -2.53
CA SER B 323 25.03 -5.47 -3.59
C SER B 323 24.64 -3.99 -3.59
N ILE B 324 24.32 -3.49 -4.78
CA ILE B 324 24.01 -2.09 -4.93
C ILE B 324 22.54 -1.91 -5.34
N THR B 325 21.82 -1.22 -4.45
CA THR B 325 20.43 -0.83 -4.64
C THR B 325 20.40 0.67 -4.94
N SER B 326 20.32 1.07 -6.21
CA SER B 326 20.17 0.17 -7.35
C SER B 326 20.97 0.70 -8.54
N PHE B 327 21.13 -0.10 -9.60
CA PHE B 327 21.54 0.52 -10.86
C PHE B 327 20.47 1.50 -11.38
N ASN B 328 19.23 1.02 -11.52
CA ASN B 328 18.21 1.81 -12.19
C ASN B 328 16.78 1.54 -11.70
N GLU B 329 16.59 1.47 -10.39
CA GLU B 329 15.24 1.49 -9.88
C GLU B 329 14.81 2.95 -9.71
N TRP B 330 14.41 3.58 -10.82
CA TRP B 330 14.12 5.01 -10.87
C TRP B 330 12.93 5.45 -10.00
N HIS B 331 11.88 4.64 -9.95
CA HIS B 331 10.74 4.90 -9.07
C HIS B 331 11.14 5.21 -7.65
N GLU B 332 12.19 4.54 -7.18
CA GLU B 332 12.56 4.64 -5.77
C GLU B 332 13.74 5.56 -5.50
N GLY B 333 14.27 6.19 -6.54
CA GLY B 333 15.34 7.20 -6.38
C GLY B 333 16.64 6.67 -5.80
N THR B 334 16.94 5.40 -6.09
CA THR B 334 18.08 4.70 -5.53
C THR B 334 19.09 4.44 -6.64
N GLN B 335 18.80 4.95 -7.84
CA GLN B 335 19.62 4.65 -9.03
C GLN B 335 20.99 5.29 -8.93
N ILE B 336 22.02 4.54 -9.33
CA ILE B 336 23.33 5.14 -9.58
C ILE B 336 23.47 5.53 -11.05
N GLU B 337 22.50 5.12 -11.87
CA GLU B 337 22.53 5.48 -13.29
C GLU B 337 22.60 7.03 -13.45
N PRO B 338 23.39 7.53 -14.41
CA PRO B 338 23.44 8.97 -14.67
C PRO B 338 22.05 9.64 -14.81
N ALA B 339 21.87 10.75 -14.09
CA ALA B 339 20.67 11.57 -14.11
C ALA B 339 21.02 13.00 -14.51
N VAL B 340 20.04 13.73 -15.08
CA VAL B 340 20.27 15.12 -15.54
C VAL B 340 19.25 16.08 -14.95
N SER B 341 19.57 17.38 -15.01
CA SER B 341 18.62 18.40 -14.59
CA SER B 341 18.64 18.42 -14.60
C SER B 341 17.48 18.43 -15.59
N LYS B 342 16.26 18.55 -15.08
CA LYS B 342 15.07 18.52 -15.93
C LYS B 342 13.90 19.18 -15.23
N LYS B 343 13.14 19.95 -16.00
CA LYS B 343 11.87 20.53 -15.56
C LYS B 343 10.83 20.27 -16.66
N CYS B 344 9.63 19.82 -16.28
CA CYS B 344 8.49 19.84 -17.21
C CYS B 344 7.40 20.69 -16.57
N ASP B 345 6.27 20.85 -17.26
CA ASP B 345 5.15 21.63 -16.74
C ASP B 345 4.65 21.08 -15.39
N ALA B 346 4.68 19.76 -15.24
CA ALA B 346 4.11 19.10 -14.06
C ALA B 346 5.06 18.91 -12.89
N PHE B 347 6.37 19.05 -13.12
CA PHE B 347 7.35 18.63 -12.12
C PHE B 347 8.76 19.10 -12.49
N GLU B 348 9.50 19.55 -11.48
CA GLU B 348 10.93 19.80 -11.63
C GLU B 348 11.67 18.74 -10.86
N TYR B 349 12.48 17.98 -11.58
CA TYR B 349 13.10 16.80 -11.01
C TYR B 349 14.31 17.15 -10.13
N LEU B 350 14.56 16.30 -9.14
CA LEU B 350 15.83 16.29 -8.43
C LEU B 350 16.95 15.89 -9.41
N ASP B 351 18.20 16.19 -9.07
CA ASP B 351 19.31 15.89 -9.95
C ASP B 351 20.59 15.76 -9.10
N TYR B 352 21.74 15.55 -9.73
CA TYR B 352 22.96 15.37 -8.95
C TYR B 352 23.79 16.65 -8.78
N LYS B 353 23.32 17.77 -9.35
CA LYS B 353 24.03 19.07 -9.28
C LYS B 353 24.43 19.47 -7.85
N PRO B 354 25.64 20.02 -7.67
CA PRO B 354 26.62 20.43 -8.68
C PRO B 354 27.59 19.34 -9.17
N LEU B 355 27.37 18.09 -8.77
CA LEU B 355 28.19 16.98 -9.24
C LEU B 355 27.84 16.52 -10.67
N ALA B 356 28.74 15.76 -11.28
CA ALA B 356 28.52 15.26 -12.65
C ALA B 356 27.41 14.18 -12.74
N ASP B 357 26.83 14.03 -13.94
CA ASP B 357 25.80 13.02 -14.17
C ASP B 357 26.31 11.64 -13.75
N ASP B 358 27.59 11.38 -14.00
CA ASP B 358 28.18 10.06 -13.75
C ASP B 358 28.87 9.98 -12.40
N TYR B 359 28.60 10.94 -11.51
CA TYR B 359 29.27 10.95 -10.20
C TYR B 359 29.09 9.65 -9.46
N TYR B 360 27.88 9.07 -9.50
CA TYR B 360 27.66 7.86 -8.72
C TYR B 360 28.36 6.63 -9.32
N LEU B 361 28.58 6.64 -10.63
CA LEU B 361 29.30 5.55 -11.27
C LEU B 361 30.77 5.61 -10.88
N ILE B 362 31.34 6.81 -10.92
CA ILE B 362 32.76 7.02 -10.58
C ILE B 362 32.99 6.76 -9.10
N ARG B 363 32.04 7.22 -8.27
CA ARG B 363 32.16 7.00 -6.83
C ARG B 363 32.09 5.52 -6.49
N THR B 364 31.27 4.78 -7.24
CA THR B 364 31.18 3.32 -7.10
C THR B 364 32.53 2.67 -7.33
N ALA B 365 33.22 3.05 -8.40
CA ALA B 365 34.51 2.44 -8.71
C ALA B 365 35.54 2.71 -7.59
N TYR B 366 35.48 3.90 -7.00
CA TYR B 366 36.31 4.22 -5.84
C TYR B 366 36.03 3.23 -4.69
N TRP B 367 34.74 3.00 -4.35
CA TRP B 367 34.41 2.08 -3.25
C TRP B 367 34.75 0.64 -3.58
N VAL B 368 34.53 0.23 -4.83
CA VAL B 368 34.93 -1.09 -5.29
C VAL B 368 36.43 -1.33 -5.06
N ASP B 369 37.24 -0.33 -5.40
CA ASP B 369 38.68 -0.39 -5.17
C ASP B 369 38.99 -0.56 -3.67
N GLU B 370 38.32 0.23 -2.83
CA GLU B 370 38.46 0.12 -1.37
C GLU B 370 38.03 -1.25 -0.83
N PHE B 371 36.98 -1.80 -1.44
CA PHE B 371 36.45 -3.13 -1.08
C PHE B 371 37.51 -4.18 -1.36
N ARG B 372 38.13 -4.10 -2.54
CA ARG B 372 39.17 -5.06 -2.96
C ARG B 372 40.44 -4.99 -2.10
N LYS B 373 40.87 -3.78 -1.73
CA LYS B 373 42.02 -3.63 -0.84
C LYS B 373 41.73 -4.20 0.55
N ALA B 374 40.48 -4.04 1.02
CA ALA B 374 40.03 -4.61 2.29
C ALA B 374 39.94 -6.14 2.25
N ARG B 375 39.41 -6.67 1.15
CA ARG B 375 39.34 -8.11 0.93
C ARG B 375 40.72 -8.76 0.79
N SER B 376 41.63 -8.11 0.08
CA SER B 376 42.99 -8.62 -0.07
C SER B 376 43.65 -8.75 1.32
N ALA B 377 43.49 -7.72 2.14
CA ALA B 377 43.96 -7.71 3.53
C ALA B 377 42.89 -8.24 4.50
C1 GOL C . -33.80 16.91 15.32
O1 GOL C . -33.93 15.83 16.24
C2 GOL C . -32.77 17.90 15.85
O2 GOL C . -32.32 17.46 17.10
C3 GOL C . -31.59 18.02 14.88
O3 GOL C . -31.83 19.20 14.15
C1 GOL D . -13.58 5.07 4.31
O1 GOL D . -14.93 5.24 3.96
C2 GOL D . -13.19 3.91 3.44
O2 GOL D . -12.74 4.39 2.20
C3 GOL D . -12.22 3.00 4.14
O3 GOL D . -12.59 1.71 3.78
C1 GOL E . -21.99 18.36 20.62
O1 GOL E . -22.05 18.16 22.01
C2 GOL E . -21.49 19.73 20.27
O2 GOL E . -21.99 20.66 21.22
C3 GOL E . -19.97 19.63 20.29
O3 GOL E . -19.60 18.35 19.84
C1 GOL F . 36.36 -16.53 -6.92
O1 GOL F . 36.47 -15.46 -7.84
C2 GOL F . 34.89 -16.70 -6.53
O2 GOL F . 34.48 -18.04 -6.75
C3 GOL F . 34.71 -16.41 -5.05
O3 GOL F . 35.85 -16.83 -4.36
C1 GOL G . 29.21 -22.88 -0.68
O1 GOL G . 29.28 -21.55 -1.13
C2 GOL G . 30.50 -23.58 -1.08
O2 GOL G . 30.44 -23.90 -2.45
C3 GOL G . 31.73 -22.74 -0.72
O3 GOL G . 32.74 -22.94 -1.67
#